data_3R2A
#
_entry.id   3R2A
#
_cell.length_a   85.030
_cell.length_b   117.580
_cell.length_c   117.120
_cell.angle_alpha   90.00
_cell.angle_beta   90.00
_cell.angle_gamma   90.00
#
_symmetry.space_group_name_H-M   'P 21 21 21'
#
loop_
_entity.id
_entity.type
_entity.pdbx_description
1 polymer 'Retinoic acid receptor RXR-alpha'
2 polymer 'Nuclear receptor corepressor 2'
3 non-polymer '4,5-dihydroxy-9,10-dioxo-9,10-dihydroanthracene-2-carboxylic acid'
4 water water
#
loop_
_entity_poly.entity_id
_entity_poly.type
_entity_poly.pdbx_seq_one_letter_code
_entity_poly.pdbx_strand_id
1 'polypeptide(L)'
;TSSANEDMPVERILEAELAVEPKTETYVEANMGLNPSSPNDPVTNICQAADKQLFTLVEWAKRIPHFSELPLDDQVILLR
AGWNELLIASFSHRSIAVKDGILLATGLHVHRNSAHSAGVGAIFDRVLTELVSKMRDMQMDKTELGCLRAIVLFNPDSKG
LSNPAEVEALREKVYASLEAYCKHKYPEQPGRFAKLLLRLPALRSIGLKCLEHLFFFKLIGDTPIDTFLMEMLEAPHQMT
;
A,B,C,D
2 'polypeptide(L)' TNMGLEAIIRKALMGK E,F
#
loop_
_chem_comp.id
_chem_comp.type
_chem_comp.name
_chem_comp.formula
RHN non-polymer '4,5-dihydroxy-9,10-dioxo-9,10-dihydroanthracene-2-carboxylic acid' 'C15 H8 O6'
#
# COMPACT_ATOMS: atom_id res chain seq x y z
N ALA A 4 37.28 8.22 -25.18
CA ALA A 4 37.95 7.91 -23.93
C ALA A 4 37.37 8.76 -22.81
N ASN A 5 38.11 9.77 -22.39
CA ASN A 5 37.62 10.74 -21.44
C ASN A 5 37.01 11.84 -22.26
N GLU A 6 37.33 11.86 -23.55
CA GLU A 6 36.79 12.89 -24.40
C GLU A 6 35.29 12.79 -24.51
N ASP A 7 34.79 11.58 -24.71
CA ASP A 7 33.37 11.46 -24.88
C ASP A 7 32.62 11.91 -23.66
N MET A 8 33.05 11.48 -22.50
CA MET A 8 32.48 11.95 -21.25
C MET A 8 33.56 12.12 -20.20
N PRO A 9 33.88 13.35 -19.85
CA PRO A 9 34.99 13.62 -18.94
C PRO A 9 34.62 13.88 -17.52
N VAL A 10 35.21 13.14 -16.59
CA VAL A 10 34.92 13.28 -15.18
C VAL A 10 35.32 14.60 -14.66
N GLU A 11 36.44 15.08 -15.11
CA GLU A 11 36.84 16.31 -14.56
C GLU A 11 35.57 17.11 -14.64
N ARG A 12 34.87 17.00 -15.76
CA ARG A 12 33.63 17.72 -15.96
C ARG A 12 32.58 17.29 -15.01
N ILE A 13 32.48 15.99 -14.82
CA ILE A 13 31.50 15.40 -13.93
C ILE A 13 31.74 15.85 -12.49
N LEU A 14 33.00 16.04 -12.15
CA LEU A 14 33.41 16.55 -10.87
C LEU A 14 32.96 17.97 -10.69
N GLU A 15 33.08 18.75 -11.74
CA GLU A 15 32.73 20.14 -11.70
C GLU A 15 31.28 20.31 -11.40
N ALA A 16 30.46 19.42 -11.91
CA ALA A 16 29.05 19.52 -11.66
C ALA A 16 28.70 19.36 -10.21
N GLU A 17 29.33 18.40 -9.57
CA GLU A 17 29.06 18.14 -8.18
C GLU A 17 29.48 19.27 -7.31
N LEU A 18 30.66 19.78 -7.57
CA LEU A 18 31.22 20.83 -6.78
C LEU A 18 30.34 22.03 -6.90
N ALA A 19 29.75 22.19 -8.06
CA ALA A 19 28.86 23.29 -8.36
C ALA A 19 27.56 23.34 -7.57
N VAL A 20 27.01 22.19 -7.25
CA VAL A 20 25.73 22.12 -6.56
C VAL A 20 25.82 21.93 -5.07
N GLU A 21 27.02 21.87 -4.56
CA GLU A 21 27.18 21.63 -3.16
C GLU A 21 26.59 22.79 -2.38
N PRO A 22 25.80 22.46 -1.38
CA PRO A 22 25.10 23.45 -0.59
C PRO A 22 26.10 24.35 0.01
N LYS A 23 25.78 25.63 0.10
CA LYS A 23 26.70 26.60 0.64
C LYS A 23 26.19 27.06 1.98
N ASP A 41 11.72 15.70 12.83
CA ASP A 41 10.63 16.04 11.94
C ASP A 41 11.16 16.19 10.55
N PRO A 42 12.03 15.27 10.18
CA PRO A 42 12.74 15.28 8.91
C PRO A 42 11.82 15.25 7.76
N VAL A 43 10.76 14.49 7.89
CA VAL A 43 9.85 14.31 6.81
C VAL A 43 9.39 15.68 6.51
N THR A 44 9.16 16.43 7.56
CA THR A 44 8.67 17.76 7.40
C THR A 44 9.67 18.61 6.67
N ASN A 45 10.92 18.56 7.09
CA ASN A 45 11.91 19.39 6.47
C ASN A 45 12.19 19.12 5.00
N ILE A 46 12.21 17.86 4.63
CA ILE A 46 12.57 17.49 3.27
C ILE A 46 11.58 18.08 2.31
N CYS A 47 10.32 18.05 2.69
CA CYS A 47 9.24 18.52 1.85
C CYS A 47 9.32 20.01 1.57
N GLN A 48 9.72 20.77 2.56
CA GLN A 48 9.82 22.21 2.43
C GLN A 48 10.85 22.51 1.39
N ALA A 49 11.87 21.68 1.36
CA ALA A 49 13.06 21.87 0.56
C ALA A 49 12.83 21.62 -0.90
N ALA A 50 11.61 21.33 -1.27
CA ALA A 50 11.31 20.96 -2.64
C ALA A 50 11.62 21.98 -3.69
N ASP A 51 11.36 23.25 -3.45
CA ASP A 51 11.63 24.20 -4.52
C ASP A 51 13.11 24.22 -4.76
N LYS A 52 13.85 24.19 -3.68
CA LYS A 52 15.30 24.22 -3.70
C LYS A 52 15.90 22.99 -4.32
N GLN A 53 15.30 21.86 -4.07
CA GLN A 53 15.78 20.59 -4.57
C GLN A 53 15.76 20.58 -6.06
N LEU A 54 14.81 21.31 -6.61
CA LEU A 54 14.62 21.42 -8.04
C LEU A 54 15.83 22.05 -8.69
N PHE A 55 16.34 23.10 -8.08
CA PHE A 55 17.47 23.82 -8.60
C PHE A 55 18.72 23.00 -8.67
N THR A 56 18.96 22.24 -7.63
CA THR A 56 20.13 21.42 -7.55
C THR A 56 20.17 20.33 -8.58
N LEU A 57 19.05 19.69 -8.77
CA LEU A 57 19.02 18.61 -9.73
C LEU A 57 19.20 19.11 -11.13
N VAL A 58 18.40 20.06 -11.53
CA VAL A 58 18.49 20.59 -12.87
C VAL A 58 19.77 21.30 -13.09
N GLU A 59 20.22 22.02 -12.10
CA GLU A 59 21.48 22.70 -12.25
C GLU A 59 22.61 21.74 -12.38
N TRP A 60 22.64 20.72 -11.55
CA TRP A 60 23.68 19.73 -11.59
C TRP A 60 23.64 18.99 -12.89
N ALA A 61 22.46 18.60 -13.29
CA ALA A 61 22.25 17.81 -14.48
C ALA A 61 22.72 18.48 -15.73
N LYS A 62 22.55 19.78 -15.82
CA LYS A 62 22.94 20.53 -16.98
C LYS A 62 24.43 20.51 -17.23
N ARG A 63 25.21 20.38 -16.17
CA ARG A 63 26.66 20.36 -16.28
C ARG A 63 27.22 19.04 -16.73
N ILE A 64 26.39 18.03 -16.76
CA ILE A 64 26.79 16.72 -17.23
C ILE A 64 26.96 16.79 -18.72
N PRO A 65 28.06 16.31 -19.23
CA PRO A 65 28.26 16.43 -20.64
C PRO A 65 27.24 15.68 -21.45
N HIS A 66 26.73 16.37 -22.46
CA HIS A 66 25.81 15.87 -23.45
C HIS A 66 24.42 15.83 -22.96
N PHE A 67 24.18 16.18 -21.72
CA PHE A 67 22.80 16.17 -21.26
C PHE A 67 21.98 17.19 -21.99
N SER A 68 22.51 18.38 -22.19
CA SER A 68 21.76 19.43 -22.85
C SER A 68 21.45 19.25 -24.34
N GLU A 69 22.18 18.36 -24.98
CA GLU A 69 21.99 17.98 -26.36
C GLU A 69 20.70 17.20 -26.60
N LEU A 70 20.23 16.54 -25.58
CA LEU A 70 19.03 15.74 -25.65
C LEU A 70 17.79 16.59 -25.74
N PRO A 71 16.76 16.02 -26.30
CA PRO A 71 15.55 16.76 -26.57
C PRO A 71 15.03 17.25 -25.28
N LEU A 72 14.42 18.41 -25.26
CA LEU A 72 14.03 19.01 -24.03
C LEU A 72 13.08 18.06 -23.42
N ASP A 73 12.34 17.37 -24.25
CA ASP A 73 11.37 16.46 -23.73
C ASP A 73 11.98 15.34 -22.94
N ASP A 74 13.03 14.74 -23.47
CA ASP A 74 13.68 13.64 -22.78
C ASP A 74 14.27 14.09 -21.47
N GLN A 75 14.82 15.27 -21.46
CA GLN A 75 15.47 15.76 -20.28
C GLN A 75 14.48 15.77 -19.16
N VAL A 76 13.25 16.11 -19.42
CA VAL A 76 12.30 16.16 -18.34
C VAL A 76 12.04 14.82 -17.71
N ILE A 77 11.96 13.80 -18.53
CA ILE A 77 11.68 12.47 -18.10
C ILE A 77 12.74 11.95 -17.22
N LEU A 78 13.96 12.17 -17.62
CA LEU A 78 15.07 11.72 -16.84
C LEU A 78 15.11 12.40 -15.52
N LEU A 79 14.93 13.70 -15.49
CA LEU A 79 15.01 14.36 -14.22
C LEU A 79 13.93 13.93 -13.32
N ARG A 80 12.71 13.90 -13.80
CA ARG A 80 11.64 13.50 -12.94
C ARG A 80 11.78 12.05 -12.60
N ALA A 81 12.29 11.30 -13.52
CA ALA A 81 12.46 9.89 -13.32
C ALA A 81 13.43 9.52 -12.23
N GLY A 82 14.57 10.17 -12.20
CA GLY A 82 15.59 9.86 -11.22
C GLY A 82 15.65 10.83 -10.09
N TRP A 83 14.62 11.63 -9.92
CA TRP A 83 14.65 12.65 -8.93
C TRP A 83 14.88 12.07 -7.59
N ASN A 84 14.21 11.01 -7.24
CA ASN A 84 14.42 10.46 -5.91
C ASN A 84 15.81 9.89 -5.64
N GLU A 85 16.34 9.07 -6.52
CA GLU A 85 17.65 8.48 -6.34
C GLU A 85 18.76 9.45 -6.31
N LEU A 86 18.67 10.46 -7.14
CA LEU A 86 19.72 11.43 -7.17
C LEU A 86 19.83 12.17 -5.90
N LEU A 87 18.71 12.56 -5.33
CA LEU A 87 18.79 13.28 -4.08
C LEU A 87 19.34 12.37 -3.05
N ILE A 88 18.84 11.16 -3.00
CA ILE A 88 19.29 10.24 -2.01
C ILE A 88 20.73 9.99 -2.18
N ALA A 89 21.17 9.87 -3.39
CA ALA A 89 22.55 9.57 -3.56
C ALA A 89 23.31 10.69 -2.94
N SER A 90 22.83 11.90 -3.14
CA SER A 90 23.49 13.08 -2.64
C SER A 90 23.56 13.25 -1.14
N PHE A 91 22.45 13.06 -0.45
CA PHE A 91 22.45 13.19 1.01
C PHE A 91 23.24 12.14 1.75
N SER A 92 23.36 10.94 1.21
CA SER A 92 24.18 9.91 1.82
C SER A 92 25.66 10.21 1.84
N HIS A 93 26.17 10.73 0.74
CA HIS A 93 27.56 11.01 0.68
C HIS A 93 27.92 12.05 1.68
N ARG A 94 27.09 13.06 1.82
CA ARG A 94 27.37 14.16 2.70
C ARG A 94 27.48 13.71 4.14
N SER A 95 26.72 12.70 4.46
CA SER A 95 26.54 12.22 5.79
C SER A 95 27.76 11.57 6.36
N ILE A 96 28.73 11.32 5.51
CA ILE A 96 29.93 10.61 5.92
C ILE A 96 30.68 11.33 6.99
N ALA A 97 30.68 12.64 6.96
CA ALA A 97 31.36 13.34 8.01
C ALA A 97 30.62 12.97 9.26
N VAL A 98 29.32 13.07 9.17
CA VAL A 98 28.41 12.83 10.25
C VAL A 98 28.44 11.41 10.76
N LYS A 99 28.32 11.26 12.07
CA LYS A 99 28.31 9.95 12.69
C LYS A 99 26.92 9.56 13.21
N ASP A 100 26.42 8.46 12.70
CA ASP A 100 25.12 7.94 13.05
C ASP A 100 23.99 8.92 12.87
N GLY A 101 24.02 9.64 11.76
CA GLY A 101 23.01 10.62 11.47
C GLY A 101 22.99 10.84 9.98
N ILE A 102 22.02 11.57 9.52
CA ILE A 102 21.90 11.89 8.12
C ILE A 102 21.92 13.38 8.05
N LEU A 103 22.53 13.92 7.01
CA LEU A 103 22.61 15.34 6.85
C LEU A 103 21.85 15.78 5.62
N LEU A 104 20.84 16.59 5.81
CA LEU A 104 20.11 17.10 4.70
C LEU A 104 20.77 18.29 4.08
N ALA A 105 20.26 18.69 2.94
CA ALA A 105 20.78 19.84 2.22
C ALA A 105 20.56 21.07 3.07
N THR A 106 19.56 20.96 3.92
CA THR A 106 19.16 22.01 4.83
C THR A 106 20.27 22.22 5.78
N GLY A 107 21.07 21.19 5.92
CA GLY A 107 22.12 21.18 6.89
C GLY A 107 21.56 20.55 8.13
N LEU A 108 20.32 20.13 8.07
CA LEU A 108 19.76 19.44 9.21
C LEU A 108 20.33 18.05 9.36
N HIS A 109 20.66 17.66 10.58
CA HIS A 109 21.17 16.33 10.88
C HIS A 109 20.04 15.55 11.49
N VAL A 110 19.87 14.32 11.06
CA VAL A 110 18.81 13.49 11.58
C VAL A 110 19.46 12.32 12.26
N HIS A 111 18.82 11.81 13.30
CA HIS A 111 19.39 10.78 14.11
C HIS A 111 18.40 9.68 14.32
N ARG A 112 18.83 8.55 14.83
CA ARG A 112 17.93 7.44 14.87
C ARG A 112 16.73 7.73 15.69
N ASN A 113 16.96 8.24 16.87
CA ASN A 113 15.87 8.45 17.75
C ASN A 113 14.93 9.41 17.11
N SER A 114 15.45 10.47 16.56
CA SER A 114 14.54 11.40 15.99
C SER A 114 13.81 10.74 14.89
N ALA A 115 14.53 9.99 14.08
CA ALA A 115 13.93 9.36 12.95
C ALA A 115 12.88 8.36 13.35
N HIS A 116 13.16 7.54 14.34
CA HIS A 116 12.21 6.51 14.76
C HIS A 116 10.88 7.04 15.29
N SER A 117 10.91 8.21 15.90
CA SER A 117 9.68 8.80 16.37
C SER A 117 8.85 9.08 15.17
N ALA A 118 9.47 9.48 14.08
CA ALA A 118 8.75 9.85 12.86
C ALA A 118 8.28 8.74 11.92
N GLY A 119 8.54 7.49 12.25
CA GLY A 119 8.04 6.39 11.44
C GLY A 119 8.85 5.96 10.23
N VAL A 120 9.94 6.67 9.99
CA VAL A 120 10.78 6.39 8.86
C VAL A 120 11.97 5.68 9.35
N GLY A 121 11.85 5.05 10.49
CA GLY A 121 12.98 4.37 11.06
C GLY A 121 13.45 3.32 10.12
N ALA A 122 12.54 2.68 9.42
CA ALA A 122 12.98 1.62 8.55
C ALA A 122 13.90 2.13 7.49
N ILE A 123 13.50 3.19 6.83
CA ILE A 123 14.29 3.73 5.76
C ILE A 123 15.62 4.31 6.20
N PHE A 124 15.58 5.02 7.31
CA PHE A 124 16.76 5.69 7.83
C PHE A 124 17.81 4.69 8.16
N ASP A 125 17.42 3.58 8.73
CA ASP A 125 18.37 2.56 9.12
C ASP A 125 19.09 1.99 7.93
N ARG A 126 18.39 1.79 6.82
CA ARG A 126 18.96 1.31 5.55
C ARG A 126 19.89 2.24 4.86
N VAL A 127 19.59 3.51 4.91
CA VAL A 127 20.42 4.43 4.22
C VAL A 127 21.80 4.34 4.81
N LEU A 128 21.91 4.33 6.12
CA LEU A 128 23.23 4.24 6.70
C LEU A 128 23.95 2.95 6.46
N THR A 129 23.33 1.83 6.79
CA THR A 129 24.03 0.58 6.59
C THR A 129 24.24 0.28 5.14
N GLU A 130 23.17 0.29 4.38
CA GLU A 130 23.21 0.03 2.96
C GLU A 130 23.93 1.06 2.15
N LEU A 131 23.87 2.32 2.55
CA LEU A 131 24.49 3.34 1.74
C LEU A 131 25.58 4.14 2.36
N VAL A 132 25.26 4.89 3.38
CA VAL A 132 26.25 5.79 3.91
C VAL A 132 27.46 5.06 4.42
N SER A 133 27.27 4.00 5.16
CA SER A 133 28.40 3.33 5.74
C SER A 133 29.31 2.77 4.70
N LYS A 134 28.75 2.12 3.73
CA LYS A 134 29.58 1.53 2.71
C LYS A 134 30.36 2.54 1.93
N MET A 135 29.79 3.71 1.72
CA MET A 135 30.46 4.71 0.94
C MET A 135 31.74 5.12 1.61
N ARG A 136 31.66 5.35 2.91
CA ARG A 136 32.82 5.66 3.74
C ARG A 136 33.75 4.47 3.80
N ASP A 137 33.19 3.27 3.74
CA ASP A 137 34.00 2.08 3.83
C ASP A 137 34.95 2.13 2.68
N MET A 138 34.50 2.59 1.53
CA MET A 138 35.38 2.63 0.40
C MET A 138 35.91 4.00 0.16
N GLN A 139 35.68 4.91 1.07
CA GLN A 139 36.24 6.21 0.82
C GLN A 139 35.83 6.65 -0.57
N MET A 140 34.53 6.69 -0.81
CA MET A 140 34.02 7.10 -2.09
C MET A 140 34.34 8.54 -2.20
N ASP A 141 34.44 9.02 -3.43
CA ASP A 141 34.82 10.37 -3.70
C ASP A 141 33.84 11.04 -4.61
N LYS A 142 34.02 12.33 -4.77
CA LYS A 142 33.14 13.11 -5.59
C LYS A 142 33.18 12.75 -7.06
N THR A 143 34.33 12.46 -7.63
CA THR A 143 34.26 12.12 -9.03
C THR A 143 33.45 10.87 -9.20
N GLU A 144 33.74 9.85 -8.41
CA GLU A 144 33.01 8.61 -8.50
C GLU A 144 31.55 8.73 -8.15
N LEU A 145 31.23 9.47 -7.12
CA LEU A 145 29.86 9.66 -6.73
C LEU A 145 29.14 10.33 -7.85
N GLY A 146 29.77 11.32 -8.45
CA GLY A 146 29.18 12.04 -9.55
C GLY A 146 28.94 11.14 -10.70
N CYS A 147 29.85 10.23 -10.95
CA CYS A 147 29.71 9.29 -12.02
C CYS A 147 28.54 8.38 -11.80
N LEU A 148 28.35 7.93 -10.58
CA LEU A 148 27.23 7.07 -10.27
C LEU A 148 25.92 7.75 -10.45
N ARG A 149 25.86 9.03 -10.11
CA ARG A 149 24.69 9.83 -10.27
C ARG A 149 24.32 10.01 -11.73
N ALA A 150 25.30 10.22 -12.58
CA ALA A 150 25.05 10.39 -13.99
C ALA A 150 24.47 9.16 -14.62
N ILE A 151 24.97 8.00 -14.24
CA ILE A 151 24.50 6.70 -14.72
C ILE A 151 23.08 6.49 -14.33
N VAL A 152 22.76 6.93 -13.15
CA VAL A 152 21.42 6.86 -12.72
C VAL A 152 20.60 7.78 -13.59
N LEU A 153 21.11 8.96 -13.88
CA LEU A 153 20.38 9.95 -14.66
C LEU A 153 20.08 9.51 -16.04
N PHE A 154 21.09 9.02 -16.69
CA PHE A 154 20.92 8.59 -18.02
C PHE A 154 20.35 7.23 -17.94
N ASN A 155 19.09 7.14 -17.57
CA ASN A 155 18.44 5.86 -17.43
C ASN A 155 17.56 5.65 -18.61
N PRO A 156 17.83 4.60 -19.36
CA PRO A 156 17.14 4.33 -20.60
C PRO A 156 15.94 3.47 -20.44
N ASP A 157 15.64 3.08 -19.24
CA ASP A 157 14.49 2.27 -19.01
C ASP A 157 13.35 3.16 -18.62
N SER A 158 13.58 4.46 -18.67
CA SER A 158 12.57 5.44 -18.35
C SER A 158 11.50 5.45 -19.41
N LYS A 159 10.25 5.40 -19.00
CA LYS A 159 9.18 5.34 -19.95
C LYS A 159 9.01 6.60 -20.70
N GLY A 160 8.76 6.48 -21.98
CA GLY A 160 8.50 7.61 -22.84
C GLY A 160 9.69 8.22 -23.52
N LEU A 161 10.84 7.65 -23.32
CA LEU A 161 11.97 8.28 -23.90
C LEU A 161 11.65 8.33 -25.35
N SER A 162 11.93 9.46 -25.97
CA SER A 162 11.69 9.64 -27.38
C SER A 162 12.55 8.68 -28.12
N ASN A 163 13.79 8.60 -27.74
CA ASN A 163 14.67 7.57 -28.23
C ASN A 163 15.54 7.11 -27.09
N PRO A 164 15.34 5.89 -26.65
CA PRO A 164 16.07 5.32 -25.52
C PRO A 164 17.52 5.12 -25.79
N ALA A 165 17.86 4.95 -27.05
CA ALA A 165 19.21 4.65 -27.48
C ALA A 165 20.21 5.72 -27.20
N GLU A 166 19.78 6.96 -27.35
CA GLU A 166 20.69 8.06 -27.19
C GLU A 166 21.16 7.89 -25.80
N VAL A 167 20.21 7.64 -24.93
CA VAL A 167 20.49 7.48 -23.53
C VAL A 167 21.37 6.30 -23.22
N GLU A 168 21.15 5.17 -23.86
CA GLU A 168 21.95 4.02 -23.52
C GLU A 168 23.38 4.36 -23.84
N ALA A 169 23.59 5.05 -24.94
CA ALA A 169 24.93 5.42 -25.37
C ALA A 169 25.59 6.37 -24.44
N LEU A 170 24.84 7.37 -24.01
CA LEU A 170 25.38 8.34 -23.08
C LEU A 170 25.73 7.69 -21.77
N ARG A 171 24.90 6.76 -21.31
CA ARG A 171 25.17 6.04 -20.08
C ARG A 171 26.39 5.20 -20.23
N GLU A 172 26.56 4.58 -21.39
CA GLU A 172 27.71 3.75 -21.64
C GLU A 172 28.97 4.57 -21.56
N LYS A 173 28.89 5.79 -22.01
CA LYS A 173 30.03 6.65 -21.98
C LYS A 173 30.45 6.94 -20.57
N VAL A 174 29.54 7.12 -19.66
CA VAL A 174 29.97 7.42 -18.31
C VAL A 174 30.73 6.30 -17.64
N TYR A 175 30.29 5.07 -17.78
CA TYR A 175 31.03 4.01 -17.15
C TYR A 175 32.39 3.80 -17.71
N ALA A 176 32.57 4.05 -18.98
CA ALA A 176 33.87 3.84 -19.54
C ALA A 176 34.81 4.76 -18.84
N SER A 177 34.43 6.00 -18.73
CA SER A 177 35.25 6.96 -18.07
C SER A 177 35.37 6.57 -16.64
N LEU A 178 34.29 6.18 -16.03
CA LEU A 178 34.38 5.82 -14.64
C LEU A 178 35.30 4.65 -14.50
N GLU A 179 35.17 3.67 -15.35
CA GLU A 179 36.00 2.51 -15.17
C GLU A 179 37.42 2.92 -15.28
N ALA A 180 37.71 3.68 -16.31
CA ALA A 180 39.07 4.10 -16.59
C ALA A 180 39.65 4.93 -15.49
N TYR A 181 38.84 5.75 -14.86
CA TYR A 181 39.32 6.57 -13.79
C TYR A 181 39.74 5.70 -12.67
N CYS A 182 38.95 4.71 -12.36
CA CYS A 182 39.26 3.97 -11.18
C CYS A 182 40.63 3.37 -11.30
N LYS A 183 40.96 2.90 -12.48
CA LYS A 183 42.27 2.34 -12.66
C LYS A 183 43.40 3.35 -12.48
N HIS A 184 43.30 4.53 -13.03
CA HIS A 184 44.39 5.44 -12.86
C HIS A 184 44.59 5.79 -11.40
N LYS A 185 43.54 6.20 -10.72
CA LYS A 185 43.61 6.52 -9.30
C LYS A 185 43.85 5.34 -8.38
N TYR A 186 43.26 4.21 -8.72
CA TYR A 186 43.32 3.05 -7.86
C TYR A 186 43.71 1.75 -8.52
N PRO A 187 44.97 1.59 -8.85
CA PRO A 187 45.51 0.37 -9.44
C PRO A 187 45.43 -0.80 -8.50
N GLU A 188 45.47 -0.50 -7.22
CA GLU A 188 45.50 -1.52 -6.19
C GLU A 188 44.16 -2.11 -5.78
N GLN A 189 43.10 -1.62 -6.38
CA GLN A 189 41.76 -2.02 -6.08
C GLN A 189 41.11 -2.33 -7.38
N PRO A 190 41.38 -3.49 -7.92
CA PRO A 190 40.84 -3.88 -9.21
C PRO A 190 39.38 -3.93 -8.99
N GLY A 191 39.08 -3.97 -7.71
CA GLY A 191 37.74 -4.04 -7.21
C GLY A 191 36.82 -2.90 -7.44
N ARG A 192 37.35 -1.70 -7.41
CA ARG A 192 36.52 -0.54 -7.31
C ARG A 192 35.50 -0.30 -8.37
N PHE A 193 35.81 -0.49 -9.62
CA PHE A 193 34.78 -0.09 -10.50
C PHE A 193 33.51 -0.87 -10.25
N ALA A 194 33.58 -2.17 -10.14
CA ALA A 194 32.40 -2.96 -9.94
C ALA A 194 31.72 -2.66 -8.67
N LYS A 195 32.50 -2.35 -7.65
CA LYS A 195 31.94 -2.15 -6.35
C LYS A 195 30.97 -1.03 -6.42
N LEU A 196 31.34 0.02 -7.13
CA LEU A 196 30.52 1.19 -7.27
C LEU A 196 29.23 0.91 -7.97
N LEU A 197 29.28 0.18 -9.06
CA LEU A 197 28.07 -0.07 -9.78
C LEU A 197 27.18 -0.88 -8.89
N LEU A 198 27.77 -1.55 -7.92
CA LEU A 198 27.04 -2.40 -7.00
C LEU A 198 26.18 -1.69 -5.98
N ARG A 199 26.41 -0.41 -5.78
CA ARG A 199 25.60 0.36 -4.87
C ARG A 199 24.35 0.82 -5.54
N LEU A 200 24.25 0.64 -6.84
CA LEU A 200 23.07 1.07 -7.56
C LEU A 200 21.82 0.35 -7.19
N PRO A 201 21.91 -0.93 -6.95
CA PRO A 201 20.77 -1.70 -6.49
C PRO A 201 20.33 -1.27 -5.10
N ALA A 202 21.25 -1.01 -4.21
CA ALA A 202 20.87 -0.56 -2.89
C ALA A 202 20.21 0.78 -2.98
N LEU A 203 20.77 1.63 -3.81
CA LEU A 203 20.28 2.97 -4.02
C LEU A 203 18.93 3.05 -4.63
N ARG A 204 18.65 2.18 -5.59
CA ARG A 204 17.36 2.08 -6.22
C ARG A 204 16.31 1.59 -5.25
N SER A 205 16.67 0.62 -4.45
CA SER A 205 15.80 0.00 -3.47
C SER A 205 15.35 0.96 -2.41
N ILE A 206 16.26 1.76 -1.93
CA ILE A 206 15.92 2.68 -0.90
C ILE A 206 14.89 3.64 -1.39
N GLY A 207 14.97 4.01 -2.64
CA GLY A 207 14.04 4.96 -3.21
C GLY A 207 12.60 4.53 -3.28
N LEU A 208 12.38 3.31 -3.70
CA LEU A 208 11.04 2.78 -3.74
C LEU A 208 10.51 2.64 -2.34
N LYS A 209 11.41 2.32 -1.41
CA LYS A 209 11.11 2.21 -0.01
C LYS A 209 10.63 3.54 0.50
N CYS A 210 11.27 4.61 0.07
CA CYS A 210 10.87 5.93 0.46
C CYS A 210 9.52 6.23 -0.09
N LEU A 211 9.29 5.82 -1.30
CA LEU A 211 8.03 6.06 -1.95
C LEU A 211 6.95 5.36 -1.21
N GLU A 212 7.23 4.19 -0.74
CA GLU A 212 6.26 3.46 0.01
C GLU A 212 5.91 4.23 1.26
N HIS A 213 6.90 4.78 1.94
CA HIS A 213 6.66 5.56 3.12
C HIS A 213 5.91 6.80 2.82
N LEU A 214 6.21 7.43 1.72
CA LEU A 214 5.51 8.64 1.36
C LEU A 214 4.04 8.40 1.10
N PHE A 215 3.73 7.34 0.39
CA PHE A 215 2.33 7.00 0.16
C PHE A 215 1.55 6.55 1.37
N PHE A 216 2.12 5.73 2.22
CA PHE A 216 1.38 5.21 3.37
C PHE A 216 0.95 6.32 4.30
N PHE A 217 1.84 7.26 4.52
CA PHE A 217 1.52 8.37 5.35
C PHE A 217 0.45 9.27 4.78
N LYS A 218 0.43 9.43 3.47
CA LYS A 218 -0.61 10.20 2.83
C LYS A 218 -1.94 9.48 2.99
N LEU A 219 -1.92 8.16 2.74
CA LEU A 219 -3.08 7.30 2.87
C LEU A 219 -3.59 7.05 4.24
N ILE A 220 -2.71 6.74 5.17
CA ILE A 220 -3.23 6.56 6.49
C ILE A 220 -3.14 7.99 6.70
N GLY A 221 -3.96 8.70 5.96
CA GLY A 221 -3.71 10.09 6.00
C GLY A 221 -4.70 10.53 6.96
N ASP A 222 -4.10 11.07 7.98
CA ASP A 222 -4.84 11.55 9.06
C ASP A 222 -5.41 12.74 8.40
N THR A 223 -6.49 13.22 8.96
CA THR A 223 -7.20 14.30 8.35
C THR A 223 -7.64 13.84 6.99
N PRO A 224 -7.40 14.61 5.97
CA PRO A 224 -8.05 14.32 4.72
C PRO A 224 -7.04 13.96 3.71
N ILE A 225 -7.31 12.88 3.01
CA ILE A 225 -6.50 12.44 1.92
C ILE A 225 -7.42 12.48 0.74
N ASP A 226 -6.88 12.38 -0.44
CA ASP A 226 -7.68 12.46 -1.62
C ASP A 226 -7.87 13.92 -1.75
N THR A 227 -7.26 14.62 -0.82
CA THR A 227 -7.26 16.03 -0.84
C THR A 227 -6.52 16.19 -2.11
N PHE A 228 -5.68 15.22 -2.37
CA PHE A 228 -4.80 15.27 -3.53
C PHE A 228 -5.45 15.14 -4.89
N LEU A 229 -6.74 14.95 -4.95
CA LEU A 229 -7.32 14.82 -6.25
C LEU A 229 -7.52 16.23 -6.73
N MET A 230 -6.42 16.88 -7.07
CA MET A 230 -6.50 18.22 -7.59
C MET A 230 -6.69 18.05 -9.06
N GLU A 231 -7.88 18.38 -9.54
CA GLU A 231 -8.19 18.21 -10.95
C GLU A 231 -7.14 17.38 -11.65
N ASN B 5 39.21 -16.43 -12.89
CA ASN B 5 38.40 -17.10 -11.87
C ASN B 5 39.29 -17.82 -10.93
N GLU B 6 40.06 -17.09 -10.14
CA GLU B 6 40.95 -17.80 -9.27
C GLU B 6 40.22 -18.68 -8.26
N ASP B 7 39.36 -18.10 -7.44
CA ASP B 7 38.66 -18.90 -6.46
C ASP B 7 37.28 -19.34 -6.94
N MET B 8 36.42 -18.42 -7.37
CA MET B 8 35.10 -18.82 -7.86
C MET B 8 35.16 -19.02 -9.36
N PRO B 9 35.31 -20.26 -9.74
CA PRO B 9 35.48 -20.62 -11.12
C PRO B 9 34.21 -20.48 -11.88
N VAL B 10 34.26 -19.88 -13.05
CA VAL B 10 33.06 -19.68 -13.85
C VAL B 10 32.47 -20.98 -14.30
N GLU B 11 33.33 -21.93 -14.57
CA GLU B 11 32.88 -23.18 -15.14
C GLU B 11 31.92 -23.93 -14.25
N ARG B 12 32.16 -23.87 -12.95
CA ARG B 12 31.29 -24.60 -12.09
C ARG B 12 29.90 -24.06 -12.23
N ILE B 13 29.78 -22.75 -12.26
CA ILE B 13 28.48 -22.09 -12.24
C ILE B 13 27.58 -22.44 -13.40
N LEU B 14 28.13 -22.61 -14.58
CA LEU B 14 27.31 -23.01 -15.69
C LEU B 14 26.75 -24.40 -15.40
N GLU B 15 27.56 -25.23 -14.78
CA GLU B 15 27.10 -26.56 -14.45
C GLU B 15 25.94 -26.34 -13.52
N ALA B 16 26.13 -25.42 -12.58
CA ALA B 16 25.13 -25.16 -11.59
C ALA B 16 23.84 -24.70 -12.18
N GLU B 17 23.88 -23.78 -13.13
CA GLU B 17 22.66 -23.30 -13.77
C GLU B 17 21.96 -24.34 -14.64
N LEU B 18 22.79 -25.09 -15.33
CA LEU B 18 22.35 -26.10 -16.27
C LEU B 18 21.62 -27.25 -15.63
N ALA B 19 22.02 -27.55 -14.40
CA ALA B 19 21.48 -28.68 -13.69
C ALA B 19 19.98 -28.64 -13.64
N VAL B 20 19.44 -27.44 -13.62
CA VAL B 20 18.01 -27.26 -13.43
C VAL B 20 17.19 -26.92 -14.65
N GLU B 21 17.75 -27.05 -15.84
CA GLU B 21 16.99 -26.76 -17.06
C GLU B 21 15.55 -26.46 -16.76
N ASN B 40 -6.35 -19.85 -18.44
CA ASN B 40 -6.59 -19.58 -17.03
C ASN B 40 -5.56 -18.58 -16.52
N ASP B 41 -5.79 -18.00 -15.35
CA ASP B 41 -4.92 -16.96 -14.79
C ASP B 41 -3.51 -17.32 -14.24
N PRO B 42 -2.54 -16.50 -14.62
CA PRO B 42 -1.12 -16.63 -14.29
C PRO B 42 -0.71 -16.50 -12.84
N VAL B 43 -1.38 -15.68 -12.05
CA VAL B 43 -0.94 -15.47 -10.67
C VAL B 43 -0.99 -16.71 -9.75
N THR B 44 -2.07 -17.44 -9.86
CA THR B 44 -2.14 -18.73 -9.21
C THR B 44 -1.06 -19.43 -10.02
N ASN B 45 -0.77 -18.89 -11.18
CA ASN B 45 0.12 -19.65 -11.99
C ASN B 45 1.35 -19.78 -11.19
N ILE B 46 1.75 -18.76 -10.46
CA ILE B 46 2.96 -19.07 -9.76
C ILE B 46 2.73 -19.44 -8.32
N CYS B 47 1.59 -19.03 -7.76
CA CYS B 47 1.36 -19.31 -6.36
C CYS B 47 1.33 -20.80 -6.09
N GLN B 48 0.56 -21.52 -6.89
CA GLN B 48 0.46 -22.97 -6.73
C GLN B 48 1.82 -23.57 -7.04
N ALA B 49 2.45 -23.05 -8.09
CA ALA B 49 3.72 -23.51 -8.66
C ALA B 49 5.09 -23.42 -7.96
N ALA B 50 5.36 -22.36 -7.22
CA ALA B 50 6.71 -22.11 -6.64
C ALA B 50 7.32 -23.06 -5.58
N ASP B 51 6.52 -23.91 -4.95
CA ASP B 51 7.02 -24.90 -4.00
C ASP B 51 7.95 -25.80 -4.77
N LYS B 52 7.61 -26.01 -6.03
CA LYS B 52 8.37 -26.84 -6.94
C LYS B 52 9.74 -26.25 -7.09
N GLN B 53 9.80 -24.94 -7.18
CA GLN B 53 11.07 -24.33 -7.43
C GLN B 53 11.77 -23.96 -6.19
N LEU B 54 11.22 -24.41 -5.09
CA LEU B 54 11.91 -24.33 -3.85
C LEU B 54 13.05 -25.28 -4.14
N PHE B 55 12.70 -26.35 -4.85
CA PHE B 55 13.66 -27.36 -5.20
C PHE B 55 14.73 -26.83 -6.09
N THR B 56 14.32 -26.21 -7.17
CA THR B 56 15.27 -25.73 -8.13
C THR B 56 16.15 -24.74 -7.46
N LEU B 57 15.56 -23.90 -6.63
CA LEU B 57 16.38 -22.89 -6.02
C LEU B 57 17.43 -23.50 -5.14
N VAL B 58 17.08 -24.48 -4.32
CA VAL B 58 18.09 -25.08 -3.45
C VAL B 58 19.20 -25.86 -4.17
N GLU B 59 18.87 -26.60 -5.21
CA GLU B 59 19.92 -27.31 -5.88
C GLU B 59 20.86 -26.27 -6.41
N TRP B 60 20.32 -25.19 -6.94
CA TRP B 60 21.17 -24.17 -7.56
C TRP B 60 22.15 -23.55 -6.59
N ALA B 61 21.69 -23.22 -5.41
CA ALA B 61 22.55 -22.64 -4.40
C ALA B 61 23.60 -23.62 -3.88
N LYS B 62 23.29 -24.90 -3.94
CA LYS B 62 24.18 -25.95 -3.44
C LYS B 62 25.49 -26.00 -4.19
N ARG B 63 25.36 -25.84 -5.50
CA ARG B 63 26.43 -26.00 -6.47
C ARG B 63 27.22 -24.74 -6.81
N ILE B 64 27.07 -23.70 -6.02
CA ILE B 64 27.90 -22.52 -6.21
C ILE B 64 29.08 -22.78 -5.32
N PRO B 65 30.23 -22.29 -5.71
CA PRO B 65 31.46 -22.68 -5.06
C PRO B 65 31.73 -22.42 -3.61
N HIS B 66 31.58 -21.25 -3.04
CA HIS B 66 31.92 -21.23 -1.64
C HIS B 66 30.73 -21.22 -0.70
N PHE B 67 29.54 -21.38 -1.26
CA PHE B 67 28.28 -21.24 -0.54
C PHE B 67 28.04 -22.22 0.58
N SER B 68 28.22 -23.49 0.29
CA SER B 68 27.93 -24.55 1.24
C SER B 68 28.83 -24.40 2.44
N GLU B 69 29.95 -23.71 2.27
CA GLU B 69 30.93 -23.55 3.31
C GLU B 69 30.69 -22.42 4.27
N LEU B 70 29.64 -21.66 4.02
CA LEU B 70 29.28 -20.60 4.93
C LEU B 70 28.47 -21.18 6.07
N PRO B 71 28.38 -20.43 7.14
CA PRO B 71 27.66 -20.87 8.31
C PRO B 71 26.21 -21.02 7.96
N LEU B 72 25.53 -21.91 8.64
CA LEU B 72 24.14 -22.20 8.37
C LEU B 72 23.29 -21.02 8.65
N ASP B 73 23.60 -20.28 9.68
CA ASP B 73 22.77 -19.16 10.02
C ASP B 73 22.81 -18.22 8.84
N ASP B 74 24.00 -18.01 8.33
CA ASP B 74 24.21 -17.17 7.18
C ASP B 74 23.59 -17.71 5.92
N GLN B 75 23.72 -19.00 5.67
CA GLN B 75 23.26 -19.56 4.42
C GLN B 75 21.78 -19.36 4.18
N VAL B 76 20.95 -19.59 5.17
CA VAL B 76 19.53 -19.46 4.96
C VAL B 76 19.09 -18.04 4.69
N ILE B 77 19.78 -17.11 5.30
CA ILE B 77 19.42 -15.74 5.14
C ILE B 77 19.55 -15.35 3.70
N LEU B 78 20.58 -15.80 3.04
CA LEU B 78 20.75 -15.45 1.67
C LEU B 78 19.59 -16.00 0.90
N LEU B 79 19.16 -17.20 1.22
CA LEU B 79 18.10 -17.81 0.48
C LEU B 79 16.79 -17.12 0.55
N ARG B 80 16.35 -16.74 1.72
CA ARG B 80 15.13 -16.02 1.75
C ARG B 80 15.33 -14.70 1.12
N ALA B 81 16.48 -14.13 1.34
CA ALA B 81 16.75 -12.82 0.84
C ALA B 81 16.71 -12.76 -0.65
N GLY B 82 17.31 -13.72 -1.33
CA GLY B 82 17.39 -13.66 -2.77
C GLY B 82 16.31 -14.40 -3.50
N TRP B 83 15.38 -14.93 -2.76
CA TRP B 83 14.38 -15.74 -3.37
C TRP B 83 13.65 -14.90 -4.34
N ASN B 84 13.39 -13.67 -3.98
CA ASN B 84 12.57 -12.88 -4.85
C ASN B 84 13.18 -12.73 -6.22
N GLU B 85 14.34 -12.14 -6.26
CA GLU B 85 15.01 -11.88 -7.51
C GLU B 85 15.47 -13.09 -8.30
N LEU B 86 15.97 -14.09 -7.63
CA LEU B 86 16.49 -15.25 -8.32
C LEU B 86 15.45 -15.93 -9.17
N LEU B 87 14.21 -15.98 -8.73
CA LEU B 87 13.20 -16.58 -9.57
C LEU B 87 13.02 -15.72 -10.76
N ILE B 88 12.90 -14.44 -10.51
CA ILE B 88 12.57 -13.53 -11.56
C ILE B 88 13.61 -13.52 -12.58
N ALA B 89 14.84 -13.54 -12.12
CA ALA B 89 15.92 -13.48 -13.04
C ALA B 89 15.82 -14.70 -13.92
N SER B 90 15.52 -15.82 -13.31
CA SER B 90 15.45 -17.05 -14.05
C SER B 90 14.35 -17.04 -15.07
N PHE B 91 13.15 -16.70 -14.71
CA PHE B 91 12.21 -16.70 -15.79
C PHE B 91 12.48 -15.59 -16.77
N SER B 92 13.18 -14.56 -16.34
CA SER B 92 13.43 -13.48 -17.26
C SER B 92 14.25 -14.02 -18.36
N HIS B 93 15.29 -14.74 -18.00
CA HIS B 93 16.19 -15.31 -19.00
C HIS B 93 15.56 -16.35 -19.92
N ARG B 94 14.75 -17.23 -19.39
CA ARG B 94 14.16 -18.26 -20.22
C ARG B 94 13.26 -17.70 -21.30
N SER B 95 12.72 -16.51 -21.11
CA SER B 95 11.75 -15.98 -22.06
C SER B 95 12.33 -15.32 -23.26
N ILE B 96 13.64 -15.22 -23.31
CA ILE B 96 14.32 -14.57 -24.44
C ILE B 96 14.07 -15.39 -25.67
N ALA B 97 13.75 -16.63 -25.41
CA ALA B 97 13.51 -17.64 -26.41
C ALA B 97 12.22 -17.41 -27.09
N VAL B 98 11.44 -16.50 -26.56
CA VAL B 98 10.16 -16.31 -27.11
C VAL B 98 9.91 -14.89 -27.37
N LYS B 99 8.92 -14.67 -28.19
CA LYS B 99 8.56 -13.37 -28.62
C LYS B 99 7.38 -12.91 -27.82
N ASP B 100 7.52 -11.78 -27.16
CA ASP B 100 6.39 -11.21 -26.45
C ASP B 100 5.69 -12.10 -25.40
N GLY B 101 6.44 -12.77 -24.54
CA GLY B 101 5.83 -13.61 -23.54
C GLY B 101 6.68 -13.99 -22.37
N ILE B 102 6.07 -14.55 -21.35
CA ILE B 102 6.79 -15.02 -20.19
C ILE B 102 6.62 -16.51 -20.09
N LEU B 103 7.72 -17.23 -19.91
CA LEU B 103 7.73 -18.68 -19.85
C LEU B 103 8.03 -19.25 -18.48
N LEU B 104 7.03 -19.80 -17.80
CA LEU B 104 7.20 -20.37 -16.47
C LEU B 104 7.92 -21.71 -16.33
N ALA B 105 8.40 -21.97 -15.14
CA ALA B 105 9.04 -23.22 -14.81
C ALA B 105 8.00 -24.34 -14.87
N THR B 106 6.74 -24.00 -14.72
CA THR B 106 5.73 -25.01 -14.71
C THR B 106 5.38 -25.44 -16.10
N GLY B 107 6.11 -24.96 -17.08
CA GLY B 107 5.75 -25.29 -18.43
C GLY B 107 4.57 -24.46 -18.86
N LEU B 108 4.45 -23.30 -18.25
CA LEU B 108 3.34 -22.41 -18.52
C LEU B 108 3.87 -21.17 -19.18
N HIS B 109 3.27 -20.78 -20.29
CA HIS B 109 3.67 -19.59 -21.04
C HIS B 109 2.58 -18.55 -20.87
N VAL B 110 2.94 -17.37 -20.38
CA VAL B 110 1.95 -16.36 -20.11
C VAL B 110 2.01 -15.28 -21.19
N HIS B 111 0.90 -14.59 -21.42
CA HIS B 111 0.77 -13.57 -22.44
C HIS B 111 0.31 -12.26 -21.84
N ARG B 112 0.65 -11.16 -22.49
CA ARG B 112 0.34 -9.83 -22.01
C ARG B 112 -1.12 -9.54 -21.87
N ASN B 113 -1.87 -9.83 -22.90
CA ASN B 113 -3.27 -9.54 -22.80
C ASN B 113 -3.83 -10.39 -21.72
N SER B 114 -3.31 -11.60 -21.55
CA SER B 114 -3.75 -12.42 -20.44
C SER B 114 -3.37 -11.87 -19.08
N ALA B 115 -2.10 -11.54 -18.94
CA ALA B 115 -1.52 -11.07 -17.69
C ALA B 115 -2.14 -9.79 -17.28
N HIS B 116 -2.49 -9.00 -18.27
CA HIS B 116 -3.00 -7.68 -18.02
C HIS B 116 -4.28 -7.83 -17.24
N SER B 117 -4.83 -9.03 -17.22
CA SER B 117 -6.10 -9.20 -16.53
C SER B 117 -6.19 -9.75 -15.12
N ALA B 118 -5.10 -10.17 -14.51
CA ALA B 118 -5.19 -10.65 -13.14
C ALA B 118 -4.57 -9.63 -12.20
N GLY B 119 -4.44 -8.41 -12.69
CA GLY B 119 -3.90 -7.29 -11.95
C GLY B 119 -2.43 -7.00 -12.00
N VAL B 120 -1.70 -7.77 -12.77
CA VAL B 120 -0.27 -7.61 -12.86
C VAL B 120 0.13 -7.14 -14.21
N GLY B 121 -0.72 -6.39 -14.86
CA GLY B 121 -0.39 -5.94 -16.20
C GLY B 121 0.86 -5.11 -16.16
N ALA B 122 0.96 -4.26 -15.16
CA ALA B 122 2.12 -3.41 -15.02
C ALA B 122 3.39 -4.17 -14.74
N ILE B 123 3.35 -5.13 -13.85
CA ILE B 123 4.56 -5.83 -13.53
C ILE B 123 5.08 -6.61 -14.73
N PHE B 124 4.19 -7.20 -15.48
CA PHE B 124 4.57 -8.02 -16.60
C PHE B 124 5.28 -7.21 -17.67
N ASP B 125 4.83 -6.01 -17.97
CA ASP B 125 5.51 -5.18 -18.95
C ASP B 125 6.92 -4.76 -18.57
N ARG B 126 7.12 -4.43 -17.31
CA ARG B 126 8.39 -3.98 -16.82
C ARG B 126 9.35 -5.07 -17.02
N VAL B 127 8.88 -6.27 -16.79
CA VAL B 127 9.74 -7.41 -16.93
C VAL B 127 10.22 -7.57 -18.36
N LEU B 128 9.29 -7.53 -19.30
CA LEU B 128 9.65 -7.66 -20.69
C LEU B 128 10.46 -6.51 -21.17
N THR B 129 9.99 -5.30 -20.99
CA THR B 129 10.81 -4.22 -21.42
C THR B 129 12.08 -4.06 -20.61
N GLU B 130 11.95 -3.93 -19.30
CA GLU B 130 13.11 -3.79 -18.42
C GLU B 130 14.04 -4.96 -18.26
N LEU B 131 13.54 -6.18 -18.23
CA LEU B 131 14.43 -7.28 -18.00
C LEU B 131 14.71 -8.17 -19.17
N VAL B 132 13.69 -8.72 -19.79
CA VAL B 132 13.95 -9.62 -20.89
C VAL B 132 14.56 -9.03 -22.11
N SER B 133 13.94 -7.99 -22.65
CA SER B 133 14.36 -7.46 -23.90
C SER B 133 15.77 -7.02 -23.82
N LYS B 134 16.08 -6.34 -22.74
CA LYS B 134 17.42 -5.90 -22.50
C LYS B 134 18.25 -7.13 -22.32
N MET B 135 17.71 -8.13 -21.66
CA MET B 135 18.48 -9.34 -21.49
C MET B 135 18.75 -9.91 -22.83
N ARG B 136 17.73 -9.96 -23.67
CA ARG B 136 17.88 -10.50 -25.01
C ARG B 136 18.78 -9.72 -25.94
N ASP B 137 18.68 -8.40 -25.89
CA ASP B 137 19.39 -7.50 -26.79
C ASP B 137 20.87 -7.62 -26.67
N MET B 138 21.35 -8.16 -25.57
CA MET B 138 22.77 -8.38 -25.34
C MET B 138 23.20 -9.84 -25.48
N GLN B 139 22.33 -10.70 -25.98
CA GLN B 139 22.70 -12.08 -26.09
C GLN B 139 23.20 -12.57 -24.77
N MET B 140 22.47 -12.36 -23.69
CA MET B 140 22.89 -12.85 -22.40
C MET B 140 22.86 -14.35 -22.46
N ASP B 141 23.82 -14.95 -21.82
CA ASP B 141 23.96 -16.37 -21.89
C ASP B 141 23.96 -16.89 -20.49
N LYS B 142 23.82 -18.19 -20.35
CA LYS B 142 23.65 -18.83 -19.07
C LYS B 142 24.81 -18.60 -18.12
N THR B 143 26.03 -18.54 -18.61
CA THR B 143 27.10 -18.31 -17.68
C THR B 143 26.85 -16.94 -17.10
N GLU B 144 26.43 -16.01 -17.92
CA GLU B 144 26.15 -14.66 -17.45
C GLU B 144 24.98 -14.67 -16.50
N LEU B 145 23.96 -15.40 -16.88
CA LEU B 145 22.76 -15.43 -16.10
C LEU B 145 23.16 -15.99 -14.79
N GLY B 146 23.95 -17.03 -14.82
CA GLY B 146 24.34 -17.65 -13.58
C GLY B 146 25.12 -16.75 -12.68
N CYS B 147 26.10 -16.06 -13.22
CA CYS B 147 26.91 -15.18 -12.41
C CYS B 147 26.15 -14.04 -11.82
N LEU B 148 25.21 -13.51 -12.55
CA LEU B 148 24.45 -12.43 -11.99
C LEU B 148 23.71 -12.96 -10.82
N ARG B 149 23.10 -14.11 -10.99
CA ARG B 149 22.32 -14.75 -9.96
C ARG B 149 23.14 -15.06 -8.74
N ALA B 150 24.39 -15.42 -8.96
CA ALA B 150 25.31 -15.70 -7.90
C ALA B 150 25.58 -14.44 -7.15
N ILE B 151 25.58 -13.33 -7.86
CA ILE B 151 25.86 -12.05 -7.26
C ILE B 151 24.77 -11.64 -6.31
N VAL B 152 23.53 -11.84 -6.71
CA VAL B 152 22.40 -11.54 -5.89
C VAL B 152 22.39 -12.42 -4.68
N LEU B 153 22.71 -13.68 -4.89
CA LEU B 153 22.65 -14.63 -3.81
C LEU B 153 23.60 -14.23 -2.73
N PHE B 154 24.82 -13.96 -3.08
CA PHE B 154 25.72 -13.63 -2.04
C PHE B 154 25.50 -12.22 -1.71
N ASN B 155 24.40 -11.88 -1.09
CA ASN B 155 24.15 -10.48 -0.78
C ASN B 155 24.47 -10.06 0.64
N PRO B 156 25.42 -9.14 0.76
CA PRO B 156 25.93 -8.62 2.02
C PRO B 156 25.02 -7.75 2.85
N ASP B 157 24.02 -7.20 2.20
CA ASP B 157 23.13 -6.25 2.82
C ASP B 157 22.02 -7.00 3.45
N SER B 158 22.10 -8.31 3.39
CA SER B 158 21.08 -9.14 3.93
C SER B 158 21.04 -8.96 5.41
N LYS B 159 19.87 -9.20 5.97
CA LYS B 159 19.60 -9.01 7.37
C LYS B 159 20.22 -10.02 8.29
N GLY B 160 20.98 -9.54 9.26
CA GLY B 160 21.59 -10.37 10.28
C GLY B 160 22.59 -11.49 10.06
N LEU B 161 23.51 -11.32 9.13
CA LEU B 161 24.53 -12.32 8.93
C LEU B 161 25.57 -12.29 10.05
N SER B 162 25.94 -13.44 10.58
CA SER B 162 26.92 -13.45 11.65
C SER B 162 28.26 -12.94 11.16
N ASN B 163 28.66 -13.37 9.97
CA ASN B 163 29.88 -12.87 9.34
C ASN B 163 29.66 -12.32 7.93
N PRO B 164 29.10 -11.13 7.86
CA PRO B 164 28.78 -10.47 6.61
C PRO B 164 29.96 -10.12 5.73
N ALA B 165 31.03 -9.66 6.33
CA ALA B 165 32.15 -9.18 5.57
C ALA B 165 32.67 -10.35 4.81
N GLU B 166 32.19 -11.50 5.22
CA GLU B 166 32.51 -12.74 4.56
C GLU B 166 31.76 -12.94 3.29
N VAL B 167 30.48 -12.66 3.33
CA VAL B 167 29.65 -12.78 2.16
C VAL B 167 30.05 -11.78 1.13
N GLU B 168 30.46 -10.59 1.57
CA GLU B 168 30.83 -9.54 0.63
C GLU B 168 32.01 -10.02 -0.20
N ALA B 169 32.94 -10.68 0.47
CA ALA B 169 34.14 -11.22 -0.14
C ALA B 169 33.87 -12.29 -1.19
N LEU B 170 32.86 -13.10 -0.96
CA LEU B 170 32.55 -14.12 -1.92
C LEU B 170 32.13 -13.46 -3.18
N ARG B 171 31.45 -12.34 -3.01
CA ARG B 171 30.84 -11.60 -4.10
C ARG B 171 31.83 -11.10 -5.09
N GLU B 172 32.92 -10.56 -4.57
CA GLU B 172 33.94 -9.97 -5.39
C GLU B 172 34.46 -11.02 -6.30
N LYS B 173 34.63 -12.19 -5.75
CA LYS B 173 35.17 -13.26 -6.52
C LYS B 173 34.22 -13.60 -7.62
N VAL B 174 32.93 -13.57 -7.39
CA VAL B 174 32.08 -13.92 -8.50
C VAL B 174 32.19 -12.97 -9.68
N TYR B 175 31.99 -11.69 -9.46
CA TYR B 175 32.04 -10.80 -10.59
C TYR B 175 33.38 -10.75 -11.23
N ALA B 176 34.41 -10.95 -10.43
CA ALA B 176 35.74 -10.88 -10.97
C ALA B 176 35.86 -11.94 -12.01
N SER B 177 35.36 -13.12 -11.73
CA SER B 177 35.42 -14.14 -12.72
C SER B 177 34.61 -13.67 -13.89
N LEU B 178 33.51 -13.01 -13.55
CA LEU B 178 32.56 -12.55 -14.54
C LEU B 178 33.19 -11.59 -15.44
N GLU B 179 34.01 -10.72 -14.90
CA GLU B 179 34.60 -9.78 -15.78
C GLU B 179 35.42 -10.55 -16.76
N ALA B 180 36.17 -11.50 -16.26
CA ALA B 180 37.08 -12.25 -17.10
C ALA B 180 36.39 -13.03 -18.18
N TYR B 181 35.32 -13.68 -17.85
CA TYR B 181 34.70 -14.50 -18.85
C TYR B 181 34.33 -13.59 -19.99
N CYS B 182 33.83 -12.43 -19.64
CA CYS B 182 33.33 -11.48 -20.61
C CYS B 182 34.45 -11.11 -21.53
N LYS B 183 35.60 -10.94 -20.95
CA LYS B 183 36.69 -10.53 -21.78
C LYS B 183 36.89 -11.59 -22.81
N HIS B 184 36.71 -12.83 -22.41
CA HIS B 184 36.92 -13.92 -23.33
C HIS B 184 35.99 -14.09 -24.49
N LYS B 185 34.76 -14.45 -24.19
CA LYS B 185 33.82 -14.72 -25.24
C LYS B 185 33.55 -13.50 -26.10
N TYR B 186 33.53 -12.33 -25.49
CA TYR B 186 33.19 -11.09 -26.18
C TYR B 186 34.19 -9.93 -26.02
N PRO B 187 35.31 -10.00 -26.75
CA PRO B 187 36.42 -9.04 -26.82
C PRO B 187 36.15 -7.65 -27.40
N GLU B 188 35.35 -7.63 -28.45
CA GLU B 188 35.04 -6.40 -29.16
C GLU B 188 34.34 -5.44 -28.24
N GLN B 189 33.46 -5.95 -27.40
CA GLN B 189 32.73 -5.17 -26.40
C GLN B 189 33.44 -5.14 -25.05
N PRO B 190 34.04 -4.02 -24.66
CA PRO B 190 34.69 -3.95 -23.35
C PRO B 190 33.79 -3.45 -22.25
N GLY B 191 32.59 -3.02 -22.61
CA GLY B 191 31.65 -2.51 -21.65
C GLY B 191 30.55 -3.47 -21.28
N ARG B 192 30.68 -4.69 -21.72
CA ARG B 192 29.70 -5.70 -21.42
C ARG B 192 29.61 -6.03 -19.96
N PHE B 193 30.72 -6.09 -19.27
CA PHE B 193 30.66 -6.44 -17.87
C PHE B 193 29.85 -5.43 -17.15
N ALA B 194 30.12 -4.16 -17.37
CA ALA B 194 29.36 -3.12 -16.74
C ALA B 194 27.93 -3.19 -17.17
N LYS B 195 27.70 -3.54 -18.41
CA LYS B 195 26.36 -3.55 -18.88
C LYS B 195 25.59 -4.57 -18.10
N LEU B 196 26.21 -5.69 -17.81
CA LEU B 196 25.54 -6.76 -17.08
C LEU B 196 25.17 -6.37 -15.67
N LEU B 197 26.08 -5.74 -14.99
CA LEU B 197 25.88 -5.30 -13.64
C LEU B 197 24.77 -4.28 -13.53
N LEU B 198 24.57 -3.49 -14.56
CA LEU B 198 23.56 -2.45 -14.54
C LEU B 198 22.15 -2.95 -14.62
N ARG B 199 22.00 -4.24 -14.87
CA ARG B 199 20.70 -4.91 -14.93
C ARG B 199 20.18 -5.31 -13.56
N LEU B 200 21.06 -5.31 -12.59
CA LEU B 200 20.74 -5.68 -11.23
C LEU B 200 19.77 -4.76 -10.54
N PRO B 201 19.86 -3.48 -10.81
CA PRO B 201 18.93 -2.54 -10.22
C PRO B 201 17.56 -2.83 -10.71
N ALA B 202 17.43 -3.10 -11.98
CA ALA B 202 16.15 -3.37 -12.57
C ALA B 202 15.59 -4.61 -11.95
N LEU B 203 16.44 -5.57 -11.68
CA LEU B 203 16.01 -6.79 -11.06
C LEU B 203 15.52 -6.53 -9.68
N ARG B 204 16.27 -5.74 -8.95
CA ARG B 204 15.89 -5.40 -7.62
C ARG B 204 14.61 -4.60 -7.57
N SER B 205 14.40 -3.65 -8.44
CA SER B 205 13.16 -2.86 -8.38
C SER B 205 11.96 -3.67 -8.71
N ILE B 206 12.11 -4.54 -9.68
CA ILE B 206 11.07 -5.45 -10.10
C ILE B 206 10.74 -6.46 -9.06
N GLY B 207 11.73 -6.85 -8.28
CA GLY B 207 11.53 -7.77 -7.20
C GLY B 207 10.63 -7.20 -6.14
N LEU B 208 10.81 -5.94 -5.80
CA LEU B 208 9.96 -5.24 -4.85
C LEU B 208 8.57 -4.91 -5.34
N LYS B 209 8.48 -4.53 -6.59
CA LYS B 209 7.21 -4.19 -7.15
C LYS B 209 6.34 -5.40 -7.07
N CYS B 210 6.93 -6.56 -7.25
CA CYS B 210 6.18 -7.78 -7.20
C CYS B 210 5.59 -7.95 -5.83
N LEU B 211 6.38 -7.68 -4.82
CA LEU B 211 5.95 -7.83 -3.46
C LEU B 211 4.80 -6.91 -3.29
N GLU B 212 4.86 -5.75 -3.91
CA GLU B 212 3.77 -4.82 -3.80
C GLU B 212 2.48 -5.35 -4.39
N HIS B 213 2.53 -6.01 -5.53
CA HIS B 213 1.34 -6.61 -6.10
C HIS B 213 0.87 -7.71 -5.21
N LEU B 214 1.80 -8.49 -4.68
CA LEU B 214 1.44 -9.60 -3.83
C LEU B 214 0.76 -9.20 -2.56
N PHE B 215 1.26 -8.17 -1.92
CA PHE B 215 0.66 -7.64 -0.72
C PHE B 215 -0.69 -7.02 -0.91
N PHE B 216 -0.86 -6.29 -2.01
CA PHE B 216 -2.10 -5.59 -2.32
C PHE B 216 -3.25 -6.50 -2.53
N PHE B 217 -3.00 -7.54 -3.29
CA PHE B 217 -4.01 -8.50 -3.63
C PHE B 217 -4.50 -9.18 -2.37
N LYS B 218 -3.64 -9.32 -1.39
CA LYS B 218 -3.99 -9.86 -0.10
C LYS B 218 -4.92 -8.91 0.60
N LEU B 219 -4.55 -7.66 0.67
CA LEU B 219 -5.31 -6.70 1.44
C LEU B 219 -6.62 -6.39 0.83
N ILE B 220 -6.56 -6.07 -0.43
CA ILE B 220 -7.74 -5.74 -1.16
C ILE B 220 -8.69 -6.85 -1.29
N GLY B 221 -8.15 -8.01 -1.57
CA GLY B 221 -9.04 -9.08 -1.86
C GLY B 221 -9.99 -9.57 -0.82
N ASP B 222 -9.54 -9.73 0.40
CA ASP B 222 -10.34 -10.46 1.34
C ASP B 222 -10.13 -10.26 2.81
N THR B 223 -10.92 -10.96 3.60
CA THR B 223 -10.57 -10.88 4.98
C THR B 223 -9.18 -11.40 4.83
N PRO B 224 -8.20 -10.57 5.20
CA PRO B 224 -6.80 -10.96 5.08
C PRO B 224 -6.09 -11.33 6.37
N ILE B 225 -6.62 -10.94 7.50
CA ILE B 225 -5.96 -11.21 8.75
C ILE B 225 -5.40 -12.60 8.87
N ASP B 226 -6.00 -13.52 8.16
CA ASP B 226 -5.70 -14.90 8.39
C ASP B 226 -4.26 -15.30 8.28
N THR B 227 -3.59 -14.95 7.21
CA THR B 227 -2.24 -15.39 7.09
C THR B 227 -1.56 -14.75 8.22
N PHE B 228 -1.89 -13.50 8.47
CA PHE B 228 -1.29 -12.87 9.60
C PHE B 228 -1.73 -13.66 10.81
N LEU B 229 -3.02 -13.90 10.97
CA LEU B 229 -3.40 -14.76 12.06
C LEU B 229 -2.60 -15.91 11.52
N MET B 230 -1.95 -16.69 12.35
CA MET B 230 -1.05 -17.63 11.73
C MET B 230 -1.61 -18.72 10.77
N GLU B 231 -2.47 -19.64 11.20
CA GLU B 231 -3.08 -20.63 10.29
C GLU B 231 -4.44 -21.02 10.85
N MET B 232 -5.46 -21.26 10.03
CA MET B 232 -6.83 -21.45 10.56
C MET B 232 -7.29 -22.77 11.14
N LEU B 233 -7.67 -22.76 12.42
CA LEU B 233 -8.18 -23.93 13.11
C LEU B 233 -9.28 -23.62 14.08
N GLU B 234 -10.36 -23.01 13.65
CA GLU B 234 -11.45 -22.68 14.56
C GLU B 234 -12.48 -23.73 14.53
N ALA B 235 -12.27 -24.77 13.77
CA ALA B 235 -13.29 -25.79 13.69
C ALA B 235 -13.47 -26.34 15.07
N PRO B 236 -12.38 -26.30 15.81
CA PRO B 236 -12.27 -26.71 17.19
C PRO B 236 -12.63 -25.46 17.91
N HIS B 237 -13.22 -24.64 17.09
CA HIS B 237 -13.77 -23.43 17.55
C HIS B 237 -14.67 -24.18 18.47
N GLN B 238 -15.64 -24.89 17.93
CA GLN B 238 -16.48 -25.75 18.70
C GLN B 238 -15.60 -26.85 19.29
N MET B 239 -15.00 -26.58 20.45
CA MET B 239 -14.16 -27.56 21.12
C MET B 239 -15.05 -28.44 21.96
N GLU C 6 -38.93 -13.98 23.34
CA GLU C 6 -38.00 -13.20 22.56
C GLU C 6 -37.12 -14.10 21.75
N ASP C 7 -37.06 -13.82 20.46
CA ASP C 7 -36.24 -14.54 19.49
C ASP C 7 -34.74 -14.39 19.72
N MET C 8 -34.30 -13.20 20.07
CA MET C 8 -32.93 -12.94 20.47
C MET C 8 -33.04 -12.08 21.70
N PRO C 9 -32.59 -12.55 22.86
CA PRO C 9 -32.76 -11.80 24.11
C PRO C 9 -31.52 -11.16 24.63
N VAL C 10 -31.63 -9.91 24.99
CA VAL C 10 -30.51 -9.12 25.41
C VAL C 10 -29.89 -9.63 26.65
N GLU C 11 -30.69 -10.28 27.46
CA GLU C 11 -30.17 -10.80 28.68
C GLU C 11 -29.12 -11.83 28.35
N ARG C 12 -29.38 -12.67 27.37
CA ARG C 12 -28.44 -13.69 26.94
C ARG C 12 -27.20 -13.12 26.32
N ILE C 13 -27.39 -12.07 25.55
CA ILE C 13 -26.32 -11.37 24.89
C ILE C 13 -25.38 -10.73 25.86
N LEU C 14 -25.96 -10.27 26.96
CA LEU C 14 -25.24 -9.69 28.09
C LEU C 14 -24.39 -10.72 28.82
N GLU C 15 -24.95 -11.89 29.04
CA GLU C 15 -24.28 -12.93 29.77
C GLU C 15 -23.03 -13.30 29.06
N ALA C 16 -23.07 -13.23 27.75
CA ALA C 16 -21.92 -13.55 26.96
C ALA C 16 -20.78 -12.59 27.19
N GLU C 17 -21.09 -11.31 27.32
CA GLU C 17 -20.05 -10.34 27.55
C GLU C 17 -19.42 -10.55 28.88
N LEU C 18 -20.26 -10.75 29.86
CA LEU C 18 -19.87 -10.92 31.24
C LEU C 18 -19.05 -12.13 31.37
N ALA C 19 -19.39 -13.12 30.59
CA ALA C 19 -18.70 -14.39 30.59
C ALA C 19 -17.26 -14.31 30.12
N VAL C 20 -16.94 -13.36 29.26
CA VAL C 20 -15.58 -13.25 28.77
C VAL C 20 -14.75 -12.15 29.33
N GLU C 21 -15.19 -11.44 30.34
CA GLU C 21 -14.34 -10.38 30.80
C GLU C 21 -13.05 -11.04 31.21
N PRO C 22 -11.94 -10.44 30.83
CA PRO C 22 -10.59 -10.97 31.11
C PRO C 22 -10.28 -11.18 32.59
N ILE C 46 3.19 -6.56 18.99
CA ILE C 46 3.63 -7.17 20.24
C ILE C 46 2.45 -7.73 21.03
N CYS C 47 1.91 -8.80 20.49
CA CYS C 47 0.80 -9.57 21.02
C CYS C 47 0.92 -11.05 20.73
N GLN C 48 1.73 -11.85 21.41
CA GLN C 48 1.62 -13.21 20.98
C GLN C 48 0.44 -13.52 21.81
N ALA C 49 -0.55 -12.68 21.59
CA ALA C 49 -1.93 -12.73 21.98
C ALA C 49 -2.70 -13.61 21.04
N ALA C 50 -3.94 -13.88 21.32
CA ALA C 50 -4.66 -14.52 20.25
C ALA C 50 -4.83 -15.99 20.33
N ASP C 51 -3.97 -16.72 21.01
CA ASP C 51 -4.39 -18.07 21.20
C ASP C 51 -5.55 -17.65 22.03
N LYS C 52 -5.29 -16.66 22.89
CA LYS C 52 -6.27 -16.06 23.77
C LYS C 52 -7.38 -15.31 23.09
N GLN C 53 -7.07 -14.49 22.11
CA GLN C 53 -8.14 -13.78 21.44
C GLN C 53 -9.07 -14.77 20.82
N LEU C 54 -8.50 -15.85 20.35
CA LEU C 54 -9.25 -16.90 19.70
C LEU C 54 -10.19 -17.53 20.68
N PHE C 55 -9.74 -17.78 21.88
CA PHE C 55 -10.58 -18.35 22.90
C PHE C 55 -11.69 -17.43 23.32
N THR C 56 -11.36 -16.17 23.50
CA THR C 56 -12.37 -15.20 23.87
C THR C 56 -13.40 -15.02 22.80
N LEU C 57 -12.96 -14.93 21.56
CA LEU C 57 -13.90 -14.69 20.50
C LEU C 57 -14.89 -15.80 20.27
N VAL C 58 -14.42 -17.02 20.21
CA VAL C 58 -15.27 -18.18 20.04
C VAL C 58 -16.14 -18.50 21.22
N GLU C 59 -15.62 -18.36 22.41
CA GLU C 59 -16.40 -18.61 23.59
C GLU C 59 -17.51 -17.61 23.75
N TRP C 60 -17.25 -16.36 23.43
CA TRP C 60 -18.28 -15.33 23.46
C TRP C 60 -19.33 -15.54 22.44
N ALA C 61 -18.90 -15.83 21.23
CA ALA C 61 -19.77 -16.02 20.11
C ALA C 61 -20.70 -17.16 20.25
N LYS C 62 -20.28 -18.23 20.90
CA LYS C 62 -21.09 -19.42 21.10
C LYS C 62 -22.32 -19.15 21.92
N ARG C 63 -22.23 -18.26 22.88
CA ARG C 63 -23.35 -17.87 23.74
C ARG C 63 -24.36 -16.91 23.08
N ILE C 64 -24.03 -16.38 21.93
CA ILE C 64 -24.93 -15.48 21.21
C ILE C 64 -26.06 -16.38 20.90
N PRO C 65 -27.27 -15.92 21.00
CA PRO C 65 -28.30 -16.89 20.91
C PRO C 65 -28.41 -17.75 19.70
N HIS C 66 -28.35 -17.34 18.47
CA HIS C 66 -28.52 -18.40 17.51
C HIS C 66 -27.33 -18.88 16.73
N PHE C 67 -26.14 -18.54 17.20
CA PHE C 67 -24.89 -18.84 16.52
C PHE C 67 -24.54 -20.30 16.31
N SER C 68 -24.80 -21.18 17.26
CA SER C 68 -24.38 -22.55 17.03
C SER C 68 -25.38 -23.40 16.28
N GLU C 69 -26.47 -22.77 15.90
CA GLU C 69 -27.52 -23.38 15.11
C GLU C 69 -27.15 -23.19 13.66
N LEU C 70 -25.99 -22.62 13.42
CA LEU C 70 -25.59 -22.29 12.08
C LEU C 70 -24.72 -23.35 11.52
N PRO C 71 -24.73 -23.46 10.22
CA PRO C 71 -23.94 -24.49 9.62
C PRO C 71 -22.61 -24.18 10.17
N LEU C 72 -21.85 -25.20 10.52
CA LEU C 72 -20.62 -25.02 11.20
C LEU C 72 -19.77 -24.24 10.31
N ASP C 73 -19.90 -24.48 9.04
CA ASP C 73 -19.06 -23.80 8.08
C ASP C 73 -19.28 -22.31 8.05
N ASP C 74 -20.51 -21.86 8.21
CA ASP C 74 -20.77 -20.44 8.23
C ASP C 74 -20.12 -19.83 9.44
N GLN C 75 -20.18 -20.53 10.54
CA GLN C 75 -19.66 -20.04 11.78
C GLN C 75 -18.19 -19.74 11.65
N VAL C 76 -17.46 -20.51 10.91
CA VAL C 76 -16.07 -20.18 10.73
C VAL C 76 -15.85 -18.88 9.96
N ILE C 77 -16.66 -18.62 8.95
CA ILE C 77 -16.50 -17.44 8.14
C ILE C 77 -16.74 -16.25 8.95
N LEU C 78 -17.81 -16.29 9.71
CA LEU C 78 -18.17 -15.17 10.53
C LEU C 78 -17.16 -14.86 11.58
N LEU C 79 -16.71 -15.83 12.33
CA LEU C 79 -15.78 -15.47 13.34
C LEU C 79 -14.58 -14.91 12.66
N ARG C 80 -14.05 -15.59 11.66
CA ARG C 80 -12.85 -15.09 11.04
C ARG C 80 -13.06 -13.77 10.37
N ALA C 81 -14.20 -13.59 9.78
CA ALA C 81 -14.46 -12.37 9.09
C ALA C 81 -14.48 -11.16 9.99
N GLY C 82 -15.15 -11.26 11.10
CA GLY C 82 -15.31 -10.14 11.99
C GLY C 82 -14.34 -10.14 13.12
N TRP C 83 -13.29 -10.91 12.99
CA TRP C 83 -12.35 -11.06 14.05
C TRP C 83 -11.71 -9.76 14.42
N ASN C 84 -11.30 -8.98 13.45
CA ASN C 84 -10.70 -7.70 13.76
C ASN C 84 -11.63 -6.70 14.44
N GLU C 85 -12.83 -6.51 13.92
CA GLU C 85 -13.79 -5.57 14.49
C GLU C 85 -14.25 -5.92 15.85
N LEU C 86 -14.44 -7.19 16.10
CA LEU C 86 -14.89 -7.64 17.41
C LEU C 86 -13.93 -7.41 18.53
N LEU C 87 -12.65 -7.56 18.29
CA LEU C 87 -11.67 -7.27 19.29
C LEU C 87 -11.60 -5.80 19.56
N ILE C 88 -11.60 -5.02 18.52
CA ILE C 88 -11.46 -3.61 18.66
C ILE C 88 -12.57 -3.06 19.48
N ALA C 89 -13.77 -3.49 19.23
CA ALA C 89 -14.85 -2.93 19.97
C ALA C 89 -14.55 -3.24 21.40
N SER C 90 -14.00 -4.40 21.66
CA SER C 90 -13.74 -4.84 23.01
C SER C 90 -12.77 -4.00 23.81
N PHE C 91 -11.60 -3.72 23.25
CA PHE C 91 -10.66 -2.91 23.98
C PHE C 91 -11.12 -1.50 24.18
N SER C 92 -11.94 -1.01 23.26
CA SER C 92 -12.46 0.32 23.43
C SER C 92 -13.36 0.49 24.64
N HIS C 93 -14.28 -0.43 24.83
CA HIS C 93 -15.15 -0.33 25.97
C HIS C 93 -14.38 -0.46 27.24
N ARG C 94 -13.40 -1.35 27.26
CA ARG C 94 -12.61 -1.56 28.44
C ARG C 94 -11.85 -0.31 28.78
N SER C 95 -11.41 0.35 27.73
CA SER C 95 -10.56 1.49 27.82
C SER C 95 -11.20 2.73 28.32
N ILE C 96 -12.50 2.80 28.36
CA ILE C 96 -13.06 4.06 28.75
C ILE C 96 -12.59 4.40 30.13
N ALA C 97 -12.43 3.40 30.96
CA ALA C 97 -12.03 3.65 32.33
C ALA C 97 -10.72 4.34 32.34
N VAL C 98 -9.83 3.91 31.47
CA VAL C 98 -8.54 4.52 31.37
C VAL C 98 -8.68 5.92 30.86
N LYS C 99 -7.74 6.79 31.18
CA LYS C 99 -7.82 8.16 30.74
C LYS C 99 -6.81 8.40 29.64
N ASP C 100 -7.31 8.76 28.48
CA ASP C 100 -6.44 9.02 27.34
C ASP C 100 -5.53 7.86 27.06
N GLY C 101 -6.06 6.66 27.12
CA GLY C 101 -5.28 5.48 26.86
C GLY C 101 -6.15 4.32 26.49
N ILE C 102 -5.56 3.23 26.03
CA ILE C 102 -6.32 2.05 25.69
C ILE C 102 -5.77 0.91 26.47
N LEU C 103 -6.66 0.06 26.95
CA LEU C 103 -6.29 -1.08 27.75
C LEU C 103 -6.49 -2.36 26.99
N LEU C 104 -5.41 -3.05 26.70
CA LEU C 104 -5.52 -4.29 25.97
C LEU C 104 -6.01 -5.39 26.85
N ALA C 105 -6.38 -6.50 26.24
CA ALA C 105 -6.91 -7.65 26.95
C ALA C 105 -5.88 -8.24 27.88
N THR C 106 -4.64 -7.98 27.56
CA THR C 106 -3.52 -8.45 28.32
C THR C 106 -3.50 -7.72 29.59
N GLY C 107 -4.33 -6.69 29.67
CA GLY C 107 -4.36 -5.86 30.85
C GLY C 107 -3.30 -4.80 30.78
N LEU C 108 -2.84 -4.48 29.58
CA LEU C 108 -1.80 -3.49 29.43
C LEU C 108 -2.31 -2.16 28.93
N HIS C 109 -2.17 -1.11 29.74
CA HIS C 109 -2.57 0.22 29.32
C HIS C 109 -1.57 0.75 28.31
N VAL C 110 -2.05 1.37 27.24
CA VAL C 110 -1.19 1.96 26.21
C VAL C 110 -1.51 3.42 26.17
N HIS C 111 -0.51 4.26 25.92
CA HIS C 111 -0.63 5.71 25.96
C HIS C 111 -0.06 6.34 24.72
N ARG C 112 -0.29 7.61 24.51
CA ARG C 112 0.13 8.20 23.25
C ARG C 112 1.60 8.09 23.00
N ASN C 113 2.38 8.45 23.97
CA ASN C 113 3.77 8.49 23.69
C ASN C 113 4.12 7.12 23.32
N SER C 114 3.69 6.17 24.09
CA SER C 114 4.15 4.87 23.76
C SER C 114 3.67 4.63 22.38
N ALA C 115 2.40 4.81 22.15
CA ALA C 115 1.85 4.50 20.86
C ALA C 115 2.38 5.32 19.73
N HIS C 116 2.39 6.63 19.84
CA HIS C 116 2.80 7.44 18.69
C HIS C 116 4.21 7.15 18.25
N SER C 117 5.10 6.93 19.19
CA SER C 117 6.47 6.61 18.86
C SER C 117 6.54 5.31 18.11
N ALA C 118 5.69 4.36 18.47
CA ALA C 118 5.75 3.00 17.95
C ALA C 118 5.05 2.78 16.64
N GLY C 119 4.75 3.86 15.93
CA GLY C 119 4.19 3.79 14.60
C GLY C 119 2.68 3.73 14.41
N VAL C 120 1.94 3.60 15.48
CA VAL C 120 0.50 3.50 15.33
C VAL C 120 -0.18 4.72 15.86
N GLY C 121 0.49 5.83 15.87
CA GLY C 121 -0.10 6.99 16.44
C GLY C 121 -1.37 7.29 15.74
N ALA C 122 -1.41 7.05 14.45
CA ALA C 122 -2.58 7.36 13.69
C ALA C 122 -3.77 6.56 14.14
N ILE C 123 -3.59 5.28 14.35
CA ILE C 123 -4.69 4.45 14.79
C ILE C 123 -5.20 4.76 16.16
N PHE C 124 -4.28 4.98 17.07
CA PHE C 124 -4.59 5.19 18.45
C PHE C 124 -5.44 6.43 18.56
N ASP C 125 -5.11 7.46 17.82
CA ASP C 125 -5.88 8.68 17.92
C ASP C 125 -7.29 8.44 17.50
N ARG C 126 -7.51 7.72 16.42
CA ARG C 126 -8.85 7.45 16.00
C ARG C 126 -9.57 6.58 16.98
N VAL C 127 -8.89 5.63 17.53
CA VAL C 127 -9.62 4.76 18.40
C VAL C 127 -10.18 5.60 19.50
N LEU C 128 -9.39 6.46 20.10
CA LEU C 128 -9.98 7.27 21.14
C LEU C 128 -11.01 8.27 20.67
N THR C 129 -10.69 9.07 19.69
CA THR C 129 -11.67 10.05 19.29
C THR C 129 -12.91 9.47 18.67
N GLU C 130 -12.73 8.66 17.65
CA GLU C 130 -13.82 8.02 16.97
C GLU C 130 -14.56 6.95 17.79
N LEU C 131 -13.87 6.21 18.65
CA LEU C 131 -14.53 5.15 19.35
C LEU C 131 -14.67 5.24 20.84
N VAL C 132 -13.57 5.27 21.55
CA VAL C 132 -13.67 5.25 22.99
C VAL C 132 -14.38 6.45 23.57
N SER C 133 -14.11 7.61 23.05
CA SER C 133 -14.73 8.77 23.61
C SER C 133 -16.22 8.76 23.45
N LYS C 134 -16.70 8.39 22.29
CA LYS C 134 -18.11 8.39 22.08
C LYS C 134 -18.77 7.41 22.98
N MET C 135 -18.15 6.28 23.17
CA MET C 135 -18.74 5.27 24.01
C MET C 135 -18.87 5.80 25.39
N ARG C 136 -17.89 6.58 25.81
CA ARG C 136 -17.86 7.22 27.12
C ARG C 136 -18.94 8.23 27.30
N ASP C 137 -19.16 9.01 26.28
CA ASP C 137 -20.13 10.06 26.35
C ASP C 137 -21.48 9.49 26.59
N MET C 138 -21.78 8.37 25.96
CA MET C 138 -23.09 7.80 26.10
C MET C 138 -23.22 6.74 27.17
N GLN C 139 -22.20 6.51 27.93
CA GLN C 139 -22.36 5.53 28.95
C GLN C 139 -22.85 4.29 28.30
N MET C 140 -22.16 3.85 27.26
CA MET C 140 -22.56 2.68 26.56
C MET C 140 -22.46 1.61 27.60
N ASP C 141 -23.17 0.55 27.30
CA ASP C 141 -23.64 -0.50 28.14
C ASP C 141 -23.02 -1.81 27.75
N LYS C 142 -22.89 -2.76 28.65
CA LYS C 142 -22.52 -4.07 28.19
C LYS C 142 -23.58 -4.70 27.30
N THR C 143 -24.84 -4.48 27.61
CA THR C 143 -25.84 -5.06 26.75
C THR C 143 -25.74 -4.41 25.41
N GLU C 144 -25.65 -3.10 25.42
CA GLU C 144 -25.62 -2.36 24.19
C GLU C 144 -24.38 -2.69 23.39
N LEU C 145 -23.26 -2.76 24.06
CA LEU C 145 -22.04 -3.14 23.40
C LEU C 145 -22.13 -4.56 22.91
N GLY C 146 -22.60 -5.47 23.72
CA GLY C 146 -22.64 -6.84 23.30
C GLY C 146 -23.52 -6.92 22.11
N CYS C 147 -24.59 -6.18 22.13
CA CYS C 147 -25.52 -6.18 21.02
C CYS C 147 -24.90 -5.66 19.77
N LEU C 148 -24.07 -4.65 19.87
CA LEU C 148 -23.39 -4.09 18.73
C LEU C 148 -22.41 -5.08 18.18
N ARG C 149 -21.80 -5.86 19.06
CA ARG C 149 -20.87 -6.88 18.67
C ARG C 149 -21.52 -8.01 17.89
N ALA C 150 -22.73 -8.36 18.28
CA ALA C 150 -23.49 -9.40 17.60
C ALA C 150 -23.89 -9.04 16.20
N ILE C 151 -24.23 -7.78 15.99
CA ILE C 151 -24.60 -7.26 14.68
C ILE C 151 -23.44 -7.33 13.78
N VAL C 152 -22.31 -7.00 14.30
CA VAL C 152 -21.13 -7.05 13.52
C VAL C 152 -20.90 -8.48 13.14
N LEU C 153 -21.05 -9.37 14.09
CA LEU C 153 -20.77 -10.78 13.87
C LEU C 153 -21.65 -11.42 12.85
N PHE C 154 -22.92 -11.19 12.96
CA PHE C 154 -23.80 -11.79 12.01
C PHE C 154 -23.76 -10.91 10.83
N ASN C 155 -22.68 -10.96 10.08
CA ASN C 155 -22.52 -10.10 8.93
C ASN C 155 -22.87 -10.88 7.73
N PRO C 156 -23.82 -10.40 6.96
CA PRO C 156 -24.28 -11.13 5.78
C PRO C 156 -23.54 -10.77 4.55
N ASP C 157 -22.66 -9.82 4.62
CA ASP C 157 -21.97 -9.43 3.43
C ASP C 157 -20.75 -10.29 3.36
N SER C 158 -20.60 -11.19 4.32
CA SER C 158 -19.45 -12.06 4.38
C SER C 158 -19.40 -13.03 3.23
N LYS C 159 -18.28 -13.05 2.55
CA LYS C 159 -18.09 -13.88 1.40
C LYS C 159 -18.09 -15.33 1.74
N GLY C 160 -18.76 -16.12 0.92
CA GLY C 160 -18.80 -17.56 1.06
C GLY C 160 -19.86 -18.18 1.91
N LEU C 161 -20.73 -17.35 2.44
CA LEU C 161 -21.69 -17.85 3.35
C LEU C 161 -22.44 -18.89 2.62
N SER C 162 -22.85 -19.92 3.32
CA SER C 162 -23.56 -21.00 2.71
C SER C 162 -24.83 -20.45 2.15
N ASN C 163 -25.58 -19.78 2.99
CA ASN C 163 -26.71 -19.01 2.55
C ASN C 163 -26.77 -17.77 3.41
N PRO C 164 -26.59 -16.64 2.79
CA PRO C 164 -26.53 -15.36 3.46
C PRO C 164 -27.79 -14.95 4.17
N ALA C 165 -28.90 -15.33 3.62
CA ALA C 165 -30.17 -14.85 4.12
C ALA C 165 -30.44 -15.21 5.53
N GLU C 166 -30.06 -16.40 5.92
CA GLU C 166 -30.35 -16.87 7.26
C GLU C 166 -29.65 -15.99 8.26
N VAL C 167 -28.47 -15.59 7.91
CA VAL C 167 -27.71 -14.70 8.73
C VAL C 167 -28.36 -13.36 8.85
N GLU C 168 -28.99 -12.86 7.81
CA GLU C 168 -29.61 -11.54 7.91
C GLU C 168 -30.70 -11.50 8.92
N ALA C 169 -31.49 -12.57 8.99
CA ALA C 169 -32.60 -12.68 9.93
C ALA C 169 -32.11 -12.66 11.34
N LEU C 170 -30.99 -13.33 11.57
CA LEU C 170 -30.37 -13.31 12.86
C LEU C 170 -29.90 -11.92 13.21
N ARG C 171 -29.31 -11.21 12.26
CA ARG C 171 -28.91 -9.82 12.47
C ARG C 171 -30.10 -8.96 12.69
N GLU C 172 -31.13 -9.17 11.88
CA GLU C 172 -32.34 -8.38 11.95
C GLU C 172 -32.97 -8.55 13.32
N LYS C 173 -32.89 -9.76 13.85
CA LYS C 173 -33.41 -10.03 15.17
C LYS C 173 -32.66 -9.27 16.23
N VAL C 174 -31.36 -9.16 16.13
CA VAL C 174 -30.63 -8.47 17.15
C VAL C 174 -30.94 -6.99 17.26
N TYR C 175 -31.03 -6.28 16.16
CA TYR C 175 -31.38 -4.89 16.30
C TYR C 175 -32.76 -4.67 16.81
N ALA C 176 -33.67 -5.56 16.49
CA ALA C 176 -35.00 -5.35 16.99
C ALA C 176 -34.95 -5.36 18.48
N SER C 177 -34.25 -6.32 19.02
CA SER C 177 -34.13 -6.43 20.46
C SER C 177 -33.43 -5.25 20.98
N LEU C 178 -32.38 -4.85 20.30
CA LEU C 178 -31.62 -3.72 20.75
C LEU C 178 -32.50 -2.50 20.73
N GLU C 179 -33.38 -2.39 19.75
CA GLU C 179 -34.21 -1.22 19.69
C GLU C 179 -35.05 -1.17 20.91
N ALA C 180 -35.60 -2.30 21.26
CA ALA C 180 -36.52 -2.40 22.37
C ALA C 180 -35.91 -2.04 23.69
N TYR C 181 -34.67 -2.45 23.88
CA TYR C 181 -34.01 -2.20 25.13
C TYR C 181 -33.85 -0.73 25.29
N CYS C 182 -33.43 -0.04 24.27
CA CYS C 182 -33.15 1.34 24.51
C CYS C 182 -34.39 2.05 24.96
N LYS C 183 -35.51 1.83 24.32
CA LYS C 183 -36.64 2.55 24.76
C LYS C 183 -36.93 2.17 26.19
N HIS C 184 -37.01 0.90 26.50
CA HIS C 184 -37.40 0.62 27.84
C HIS C 184 -36.44 1.24 28.79
N LYS C 185 -35.17 0.95 28.64
CA LYS C 185 -34.19 1.52 29.54
C LYS C 185 -33.98 3.03 29.42
N TYR C 186 -34.05 3.58 28.22
CA TYR C 186 -33.76 4.98 27.97
C TYR C 186 -34.78 5.71 27.15
N PRO C 187 -35.94 5.94 27.74
CA PRO C 187 -37.07 6.59 27.09
C PRO C 187 -36.77 8.01 26.66
N GLU C 188 -36.02 8.72 27.48
CA GLU C 188 -35.64 10.09 27.18
C GLU C 188 -34.74 10.21 25.96
N GLN C 189 -33.85 9.26 25.77
CA GLN C 189 -32.98 9.26 24.64
C GLN C 189 -33.58 8.47 23.55
N PRO C 190 -34.45 9.09 22.80
CA PRO C 190 -35.12 8.47 21.68
C PRO C 190 -34.07 8.25 20.65
N GLY C 191 -33.01 9.01 20.75
CA GLY C 191 -31.98 8.93 19.73
C GLY C 191 -30.98 7.85 19.95
N ARG C 192 -31.07 7.20 21.07
CA ARG C 192 -30.07 6.26 21.44
C ARG C 192 -29.86 5.13 20.49
N PHE C 193 -30.89 4.56 19.92
CA PHE C 193 -30.61 3.40 19.09
C PHE C 193 -29.74 3.69 17.89
N ALA C 194 -30.05 4.69 17.11
CA ALA C 194 -29.26 5.04 15.96
C ALA C 194 -27.89 5.48 16.37
N LYS C 195 -27.82 6.12 17.51
CA LYS C 195 -26.56 6.63 17.94
C LYS C 195 -25.66 5.44 18.05
N LEU C 196 -26.15 4.38 18.67
CA LEU C 196 -25.35 3.18 18.85
C LEU C 196 -24.98 2.56 17.56
N LEU C 197 -25.95 2.47 16.68
CA LEU C 197 -25.73 1.88 15.39
C LEU C 197 -24.77 2.66 14.57
N LEU C 198 -24.70 3.95 14.83
CA LEU C 198 -23.87 4.86 14.06
C LEU C 198 -22.40 4.78 14.34
N ARG C 199 -22.04 4.01 15.36
CA ARG C 199 -20.66 3.79 15.71
C ARG C 199 -20.01 2.74 14.85
N LEU C 200 -20.81 1.96 14.14
CA LEU C 200 -20.32 0.87 13.31
C LEU C 200 -19.45 1.24 12.15
N PRO C 201 -19.76 2.33 11.48
CA PRO C 201 -18.93 2.78 10.40
C PRO C 201 -17.56 3.16 10.90
N ALA C 202 -17.49 3.77 12.06
CA ALA C 202 -16.22 4.11 12.67
C ALA C 202 -15.42 2.90 13.05
N LEU C 203 -16.09 1.94 13.63
CA LEU C 203 -15.45 0.72 14.04
C LEU C 203 -14.96 -0.03 12.88
N ARG C 204 -15.68 0.00 11.79
CA ARG C 204 -15.27 -0.71 10.61
C ARG C 204 -14.01 -0.19 9.97
N SER C 205 -13.91 1.11 9.80
CA SER C 205 -12.76 1.75 9.19
C SER C 205 -11.53 1.59 10.02
N ILE C 206 -11.69 1.66 11.31
CA ILE C 206 -10.55 1.52 12.16
C ILE C 206 -10.00 0.18 11.89
N GLY C 207 -10.86 -0.76 11.63
CA GLY C 207 -10.38 -2.09 11.37
C GLY C 207 -9.53 -2.15 10.14
N LEU C 208 -9.96 -1.53 9.07
CA LEU C 208 -9.21 -1.53 7.83
C LEU C 208 -7.87 -0.82 7.92
N LYS C 209 -7.85 0.25 8.69
CA LYS C 209 -6.65 1.00 8.98
C LYS C 209 -5.69 0.14 9.78
N CYS C 210 -6.19 -0.68 10.68
CA CYS C 210 -5.32 -1.55 11.43
C CYS C 210 -4.66 -2.47 10.50
N LEU C 211 -5.43 -2.97 9.55
CA LEU C 211 -4.96 -3.85 8.50
C LEU C 211 -4.00 -3.18 7.59
N GLU C 212 -4.26 -1.95 7.24
CA GLU C 212 -3.35 -1.26 6.40
C GLU C 212 -2.05 -1.16 7.13
N HIS C 213 -2.09 -0.87 8.41
CA HIS C 213 -0.88 -0.82 9.23
C HIS C 213 -0.19 -2.14 9.37
N LEU C 214 -0.91 -3.21 9.59
CA LEU C 214 -0.27 -4.48 9.74
C LEU C 214 0.43 -4.83 8.47
N PHE C 215 -0.21 -4.55 7.36
CA PHE C 215 0.40 -4.82 6.08
C PHE C 215 1.61 -3.97 5.77
N PHE C 216 1.58 -2.70 6.10
CA PHE C 216 2.75 -1.87 5.83
C PHE C 216 3.95 -2.29 6.63
N PHE C 217 3.75 -2.63 7.88
CA PHE C 217 4.86 -3.02 8.70
C PHE C 217 5.54 -4.25 8.18
N LYS C 218 4.78 -5.19 7.66
CA LYS C 218 5.35 -6.38 7.05
C LYS C 218 6.09 -6.06 5.79
N LEU C 219 5.54 -5.16 4.99
CA LEU C 219 6.13 -4.81 3.70
C LEU C 219 7.44 -4.10 3.82
N ILE C 220 7.43 -3.13 4.72
CA ILE C 220 8.54 -2.33 5.19
C ILE C 220 9.54 -3.19 5.88
N GLY C 221 9.03 -4.30 6.32
CA GLY C 221 9.53 -5.10 7.38
C GLY C 221 10.93 -5.57 7.25
N ASP C 222 11.52 -5.77 8.40
CA ASP C 222 12.91 -6.10 8.55
C ASP C 222 13.30 -7.44 7.96
N THR C 223 14.52 -7.49 7.47
CA THR C 223 15.03 -8.66 6.83
C THR C 223 14.10 -8.91 5.66
N PRO C 224 13.55 -10.09 5.45
CA PRO C 224 12.82 -10.33 4.21
C PRO C 224 11.35 -10.43 4.55
N ILE C 225 10.49 -10.12 3.62
CA ILE C 225 9.09 -10.29 3.85
C ILE C 225 8.71 -11.47 3.01
N ASP C 226 7.42 -11.72 2.97
CA ASP C 226 6.90 -12.70 2.05
C ASP C 226 7.56 -13.97 2.46
N THR C 227 8.37 -13.88 3.49
CA THR C 227 8.94 -15.05 4.05
C THR C 227 7.61 -15.60 4.38
N PHE C 228 6.77 -14.68 4.77
CA PHE C 228 5.47 -14.97 5.28
C PHE C 228 4.73 -16.03 4.56
N LEU C 229 4.84 -16.17 3.27
CA LEU C 229 4.05 -17.27 2.77
C LEU C 229 4.33 -18.54 3.57
N MET C 230 3.27 -19.12 4.12
CA MET C 230 3.24 -20.42 4.70
C MET C 230 3.16 -21.20 3.44
N GLU C 231 4.31 -21.58 2.92
CA GLU C 231 4.39 -22.31 1.66
C GLU C 231 3.30 -21.89 0.71
N ASN D 5 -41.62 16.75 15.61
CA ASN D 5 -40.67 17.67 14.98
C ASN D 5 -40.10 17.13 13.69
N GLU D 6 -40.60 17.59 12.57
CA GLU D 6 -40.01 17.22 11.31
C GLU D 6 -39.13 18.35 10.84
N ASP D 7 -38.12 18.68 11.61
CA ASP D 7 -37.18 19.68 11.18
C ASP D 7 -36.38 18.92 10.14
N MET D 8 -35.61 19.58 9.31
CA MET D 8 -34.88 18.78 8.34
C MET D 8 -35.87 17.86 7.66
N PRO D 9 -36.87 18.47 7.06
CA PRO D 9 -37.94 17.74 6.42
C PRO D 9 -37.46 16.93 5.28
N VAL D 10 -37.93 15.71 5.24
CA VAL D 10 -37.49 14.78 4.27
C VAL D 10 -37.89 15.36 2.97
N GLU D 11 -38.85 16.23 3.01
CA GLU D 11 -39.28 16.81 1.76
C GLU D 11 -38.19 17.63 1.13
N ARG D 12 -37.51 18.46 1.90
CA ARG D 12 -36.50 19.29 1.28
C ARG D 12 -35.46 18.38 0.68
N ILE D 13 -35.05 17.40 1.46
CA ILE D 13 -33.96 16.50 1.14
C ILE D 13 -34.23 15.72 -0.12
N LEU D 14 -35.46 15.31 -0.30
CA LEU D 14 -35.79 14.62 -1.52
C LEU D 14 -35.61 15.63 -2.62
N GLU D 15 -36.00 16.86 -2.34
CA GLU D 15 -35.96 17.88 -3.36
C GLU D 15 -34.55 18.03 -3.80
N ALA D 16 -33.65 18.00 -2.85
CA ALA D 16 -32.26 18.16 -3.14
C ALA D 16 -31.76 17.07 -4.03
N GLU D 17 -32.15 15.83 -3.80
CA GLU D 17 -31.58 14.78 -4.61
C GLU D 17 -31.89 14.94 -6.07
N LEU D 18 -33.13 15.28 -6.37
CA LEU D 18 -33.57 15.44 -7.74
C LEU D 18 -32.95 16.60 -8.45
N ALA D 19 -32.58 17.60 -7.69
CA ALA D 19 -32.07 18.83 -8.24
C ALA D 19 -30.87 18.47 -9.05
N VAL D 20 -30.16 17.46 -8.59
CA VAL D 20 -28.96 16.99 -9.24
C VAL D 20 -29.37 15.83 -10.07
N GLU D 21 -30.67 15.64 -10.21
CA GLU D 21 -31.08 14.54 -11.01
C GLU D 21 -30.35 14.89 -12.26
N PRO D 22 -29.63 13.94 -12.82
CA PRO D 22 -28.83 14.20 -13.99
C PRO D 22 -29.62 14.43 -15.28
N LYS D 23 -29.32 15.55 -15.94
CA LYS D 23 -30.01 15.88 -17.15
C LYS D 23 -29.76 14.74 -18.10
N THR D 24 -30.77 14.43 -18.87
CA THR D 24 -30.70 13.41 -19.86
C THR D 24 -29.67 13.84 -20.86
N GLU D 25 -28.57 13.10 -20.98
CA GLU D 25 -27.53 13.48 -21.93
C GLU D 25 -28.08 13.66 -23.34
N PRO D 42 -12.80 3.03 -17.34
CA PRO D 42 -11.74 2.60 -16.45
C PRO D 42 -11.79 3.45 -15.22
N VAL D 43 -10.70 3.54 -14.48
CA VAL D 43 -10.63 4.43 -13.33
C VAL D 43 -10.65 5.90 -13.78
N THR D 44 -10.00 6.12 -14.89
CA THR D 44 -9.87 7.44 -15.47
C THR D 44 -11.23 7.92 -15.80
N ASN D 45 -12.06 6.99 -16.23
CA ASN D 45 -13.40 7.30 -16.65
C ASN D 45 -14.06 7.89 -15.44
N ILE D 46 -13.91 7.21 -14.29
CA ILE D 46 -14.46 7.66 -13.03
C ILE D 46 -13.60 8.81 -12.62
N CYS D 47 -12.45 8.88 -13.25
CA CYS D 47 -11.55 9.96 -12.91
C CYS D 47 -12.21 11.30 -13.29
N GLN D 48 -13.18 11.29 -14.19
CA GLN D 48 -13.82 12.54 -14.54
C GLN D 48 -15.12 12.89 -13.80
N ALA D 49 -15.84 11.88 -13.36
CA ALA D 49 -17.11 12.10 -12.67
C ALA D 49 -17.05 12.84 -11.34
N ALA D 50 -16.11 12.55 -10.47
CA ALA D 50 -16.18 13.24 -9.22
C ALA D 50 -16.00 14.75 -9.36
N ASP D 51 -14.93 15.17 -10.03
CA ASP D 51 -14.60 16.59 -10.17
C ASP D 51 -15.63 17.39 -10.92
N LYS D 52 -16.19 16.82 -11.98
CA LYS D 52 -17.26 17.49 -12.66
C LYS D 52 -18.33 17.55 -11.59
N GLN D 53 -18.31 16.52 -10.75
CA GLN D 53 -19.36 16.36 -9.77
C GLN D 53 -19.19 17.08 -8.49
N LEU D 54 -18.17 17.89 -8.47
CA LEU D 54 -18.00 18.83 -7.43
C LEU D 54 -19.22 19.66 -7.68
N PHE D 55 -19.57 19.81 -8.94
CA PHE D 55 -20.68 20.68 -9.26
C PHE D 55 -21.85 20.11 -8.55
N THR D 56 -22.15 18.87 -8.84
CA THR D 56 -23.27 18.25 -8.21
C THR D 56 -23.00 18.18 -6.74
N LEU D 57 -21.78 17.85 -6.39
CA LEU D 57 -21.52 17.65 -5.00
C LEU D 57 -21.79 18.95 -4.26
N VAL D 58 -21.34 20.06 -4.80
CA VAL D 58 -21.62 21.32 -4.14
C VAL D 58 -23.08 21.78 -4.16
N GLU D 59 -23.77 21.66 -5.28
CA GLU D 59 -25.13 22.12 -5.25
C GLU D 59 -25.87 21.29 -4.24
N TRP D 60 -25.62 20.00 -4.23
CA TRP D 60 -26.37 19.12 -3.37
C TRP D 60 -26.23 19.52 -1.91
N ALA D 61 -25.03 19.83 -1.50
CA ALA D 61 -24.79 20.20 -0.13
C ALA D 61 -25.51 21.47 0.29
N LYS D 62 -25.65 22.40 -0.64
CA LYS D 62 -26.18 23.71 -0.30
C LYS D 62 -27.58 23.59 0.24
N ARG D 63 -28.37 22.76 -0.43
CA ARG D 63 -29.75 22.54 -0.08
C ARG D 63 -30.01 21.75 1.20
N ILE D 64 -29.04 21.03 1.73
CA ILE D 64 -29.40 20.33 2.94
C ILE D 64 -29.75 21.40 3.93
N PRO D 65 -30.86 21.22 4.58
CA PRO D 65 -31.31 22.22 5.50
C PRO D 65 -30.38 22.36 6.61
N HIS D 66 -30.05 23.59 6.91
CA HIS D 66 -29.24 23.93 8.03
C HIS D 66 -27.79 23.77 7.69
N PHE D 67 -27.50 23.20 6.53
CA PHE D 67 -26.13 22.94 6.16
C PHE D 67 -25.23 24.16 6.00
N SER D 68 -25.69 25.14 5.25
CA SER D 68 -24.91 26.34 4.97
C SER D 68 -24.63 27.14 6.22
N GLU D 69 -25.45 26.95 7.23
CA GLU D 69 -25.38 27.68 8.49
C GLU D 69 -24.09 27.41 9.22
N LEU D 70 -23.46 26.31 8.91
CA LEU D 70 -22.26 25.94 9.61
C LEU D 70 -21.19 26.93 9.28
N PRO D 71 -20.30 27.15 10.23
CA PRO D 71 -19.24 28.06 9.96
C PRO D 71 -18.66 27.47 8.74
N LEU D 72 -18.36 28.29 7.76
CA LEU D 72 -17.87 27.80 6.49
C LEU D 72 -16.54 27.13 6.73
N ASP D 73 -15.92 27.39 7.85
CA ASP D 73 -14.66 26.72 8.07
C ASP D 73 -15.03 25.24 8.10
N ASP D 74 -16.01 24.92 8.93
CA ASP D 74 -16.51 23.58 9.07
C ASP D 74 -17.16 23.02 7.83
N GLN D 75 -17.92 23.84 7.14
CA GLN D 75 -18.68 23.30 6.05
C GLN D 75 -17.73 22.68 5.08
N VAL D 76 -16.58 23.28 4.90
CA VAL D 76 -15.63 22.77 3.95
C VAL D 76 -15.05 21.42 4.29
N ILE D 77 -14.86 21.16 5.56
CA ILE D 77 -14.33 19.89 5.96
C ILE D 77 -15.26 18.77 5.62
N LEU D 78 -16.54 18.99 5.85
CA LEU D 78 -17.53 17.99 5.58
C LEU D 78 -17.52 17.63 4.13
N LEU D 79 -17.44 18.62 3.28
CA LEU D 79 -17.46 18.31 1.89
C LEU D 79 -16.28 17.51 1.49
N ARG D 80 -15.11 17.92 1.89
CA ARG D 80 -13.97 17.13 1.55
C ARG D 80 -14.02 15.82 2.24
N ALA D 81 -14.41 15.79 3.49
CA ALA D 81 -14.46 14.52 4.18
C ALA D 81 -15.49 13.57 3.60
N GLY D 82 -16.69 14.05 3.35
CA GLY D 82 -17.66 13.25 2.66
C GLY D 82 -17.11 13.43 1.29
N TRP D 83 -17.61 12.75 0.31
CA TRP D 83 -17.09 12.95 -1.02
C TRP D 83 -16.85 11.62 -1.54
N ASN D 84 -15.80 10.95 -1.16
CA ASN D 84 -15.88 9.65 -1.80
C ASN D 84 -17.15 8.94 -1.51
N GLU D 85 -17.50 8.84 -0.26
CA GLU D 85 -18.68 8.10 0.06
C GLU D 85 -19.89 8.71 -0.55
N LEU D 86 -19.99 10.03 -0.53
CA LEU D 86 -21.13 10.71 -1.08
C LEU D 86 -21.24 10.40 -2.54
N LEU D 87 -20.13 10.27 -3.22
CA LEU D 87 -20.17 9.93 -4.62
C LEU D 87 -20.62 8.52 -4.86
N ILE D 88 -20.08 7.59 -4.10
CA ILE D 88 -20.36 6.20 -4.31
C ILE D 88 -21.79 5.86 -4.13
N ALA D 89 -22.43 6.49 -3.18
CA ALA D 89 -23.77 6.12 -2.93
C ALA D 89 -24.53 6.39 -4.18
N SER D 90 -24.19 7.49 -4.82
CA SER D 90 -24.87 7.90 -6.03
C SER D 90 -24.71 6.94 -7.17
N PHE D 91 -23.52 6.53 -7.53
CA PHE D 91 -23.55 5.58 -8.59
C PHE D 91 -24.22 4.31 -8.10
N SER D 92 -24.11 4.05 -6.82
CA SER D 92 -24.72 2.85 -6.30
C SER D 92 -26.20 2.91 -6.46
N HIS D 93 -26.82 3.98 -6.00
CA HIS D 93 -28.26 4.09 -6.09
C HIS D 93 -28.76 4.10 -7.52
N ARG D 94 -28.05 4.79 -8.40
CA ARG D 94 -28.49 4.84 -9.78
C ARG D 94 -28.50 3.49 -10.47
N SER D 95 -27.55 2.65 -10.15
CA SER D 95 -27.44 1.37 -10.82
C SER D 95 -28.48 0.36 -10.48
N ILE D 96 -29.26 0.62 -9.45
CA ILE D 96 -30.25 -0.35 -9.01
C ILE D 96 -31.18 -0.51 -10.15
N ALA D 97 -31.26 0.55 -10.91
CA ALA D 97 -32.14 0.68 -12.04
C ALA D 97 -31.67 -0.15 -13.19
N VAL D 98 -30.51 -0.75 -13.02
CA VAL D 98 -29.92 -1.51 -14.08
C VAL D 98 -29.47 -2.85 -13.60
N LYS D 99 -29.23 -3.73 -14.54
CA LYS D 99 -28.84 -5.08 -14.23
C LYS D 99 -27.39 -5.32 -14.53
N ASP D 100 -26.66 -5.89 -13.59
CA ASP D 100 -25.28 -6.23 -13.86
C ASP D 100 -24.37 -5.08 -14.30
N GLY D 101 -24.47 -3.93 -13.64
CA GLY D 101 -23.58 -2.83 -13.99
C GLY D 101 -23.63 -1.63 -13.08
N ILE D 102 -22.77 -0.67 -13.36
CA ILE D 102 -22.80 0.59 -12.67
C ILE D 102 -22.83 1.67 -13.72
N LEU D 103 -23.62 2.70 -13.48
CA LEU D 103 -23.70 3.77 -14.42
C LEU D 103 -23.40 5.11 -13.80
N LEU D 104 -22.40 5.77 -14.36
CA LEU D 104 -21.89 7.03 -13.87
C LEU D 104 -22.65 8.30 -14.19
N ALA D 105 -22.18 9.39 -13.62
CA ALA D 105 -22.81 10.67 -13.84
C ALA D 105 -22.35 11.23 -15.17
N THR D 106 -21.44 10.52 -15.79
CA THR D 106 -20.92 10.91 -17.08
C THR D 106 -21.77 10.12 -18.01
N GLY D 107 -22.88 9.57 -17.50
CA GLY D 107 -23.61 8.58 -18.24
C GLY D 107 -22.72 7.36 -18.15
N LEU D 108 -22.29 6.81 -19.26
CA LEU D 108 -21.29 5.76 -19.20
C LEU D 108 -21.39 4.46 -18.40
N HIS D 109 -22.45 3.70 -18.50
CA HIS D 109 -22.51 2.45 -17.73
C HIS D 109 -21.37 1.40 -17.98
N VAL D 110 -20.77 0.91 -16.89
CA VAL D 110 -19.69 -0.06 -16.92
C VAL D 110 -20.07 -1.49 -16.62
N HIS D 111 -19.29 -2.43 -17.15
CA HIS D 111 -19.52 -3.86 -17.03
C HIS D 111 -18.36 -4.57 -16.38
N ARG D 112 -18.61 -5.77 -15.88
CA ARG D 112 -17.64 -6.51 -15.13
C ARG D 112 -16.41 -6.82 -15.89
N ASN D 113 -16.54 -7.23 -17.13
CA ASN D 113 -15.32 -7.62 -17.77
C ASN D 113 -14.35 -6.48 -17.88
N SER D 114 -14.83 -5.32 -18.29
CA SER D 114 -13.94 -4.20 -18.39
C SER D 114 -13.41 -3.82 -17.04
N ALA D 115 -14.29 -3.76 -16.07
CA ALA D 115 -13.89 -3.29 -14.79
C ALA D 115 -12.83 -4.20 -14.31
N HIS D 116 -12.99 -5.49 -14.50
CA HIS D 116 -12.00 -6.41 -14.02
C HIS D 116 -10.61 -6.23 -14.64
N SER D 117 -10.57 -6.07 -15.95
CA SER D 117 -9.32 -5.85 -16.68
C SER D 117 -8.68 -4.53 -16.31
N ALA D 118 -9.51 -3.56 -15.97
CA ALA D 118 -9.04 -2.26 -15.57
C ALA D 118 -8.44 -2.36 -14.20
N GLY D 119 -8.71 -3.49 -13.54
CA GLY D 119 -8.21 -3.78 -12.19
C GLY D 119 -9.03 -3.42 -10.97
N VAL D 120 -10.14 -2.75 -11.15
CA VAL D 120 -10.91 -2.37 -10.01
C VAL D 120 -11.88 -3.44 -9.98
N GLY D 121 -11.45 -4.59 -10.44
CA GLY D 121 -12.37 -5.70 -10.47
C GLY D 121 -12.82 -6.04 -9.08
N ALA D 122 -11.91 -6.05 -8.13
CA ALA D 122 -12.24 -6.34 -6.76
C ALA D 122 -13.14 -5.31 -6.16
N ILE D 123 -12.84 -4.06 -6.39
CA ILE D 123 -13.65 -3.03 -5.87
C ILE D 123 -15.04 -3.12 -6.47
N PHE D 124 -15.08 -3.46 -7.74
CA PHE D 124 -16.33 -3.48 -8.50
C PHE D 124 -17.35 -4.48 -7.95
N ASP D 125 -16.96 -5.69 -7.63
CA ASP D 125 -17.90 -6.64 -7.08
C ASP D 125 -18.48 -6.23 -5.74
N ARG D 126 -17.66 -5.68 -4.88
CA ARG D 126 -18.12 -5.33 -3.57
C ARG D 126 -19.21 -4.37 -3.71
N VAL D 127 -19.12 -3.50 -4.68
CA VAL D 127 -20.16 -2.54 -4.87
C VAL D 127 -21.46 -3.19 -5.23
N LEU D 128 -21.44 -4.09 -6.19
CA LEU D 128 -22.65 -4.76 -6.55
C LEU D 128 -23.18 -5.63 -5.45
N THR D 129 -22.37 -6.52 -4.93
CA THR D 129 -22.90 -7.35 -3.89
C THR D 129 -23.24 -6.60 -2.63
N GLU D 130 -22.33 -5.79 -2.13
CA GLU D 130 -22.55 -5.11 -0.87
C GLU D 130 -23.27 -3.79 -0.91
N LEU D 131 -23.36 -3.16 -2.06
CA LEU D 131 -24.04 -1.90 -2.09
C LEU D 131 -25.32 -1.82 -2.92
N VAL D 132 -25.22 -2.08 -4.21
CA VAL D 132 -26.39 -1.98 -5.04
C VAL D 132 -27.48 -2.96 -4.76
N SER D 133 -27.10 -4.20 -4.68
CA SER D 133 -28.07 -5.26 -4.58
C SER D 133 -28.85 -5.09 -3.34
N LYS D 134 -28.18 -4.78 -2.27
CA LYS D 134 -28.83 -4.56 -1.02
C LYS D 134 -29.70 -3.35 -1.10
N MET D 135 -29.26 -2.32 -1.81
CA MET D 135 -30.07 -1.14 -1.99
C MET D 135 -31.29 -1.49 -2.76
N ARG D 136 -31.09 -2.26 -3.80
CA ARG D 136 -32.19 -2.71 -4.63
C ARG D 136 -33.13 -3.66 -3.90
N ASP D 137 -32.56 -4.57 -3.11
CA ASP D 137 -33.29 -5.61 -2.41
C ASP D 137 -34.29 -5.02 -1.47
N MET D 138 -33.93 -3.90 -0.88
CA MET D 138 -34.84 -3.23 0.01
C MET D 138 -35.66 -2.23 -0.78
N GLN D 139 -35.43 -2.17 -2.08
CA GLN D 139 -36.17 -1.24 -2.88
C GLN D 139 -36.02 0.15 -2.33
N MET D 140 -34.77 0.58 -2.21
CA MET D 140 -34.44 1.88 -1.68
C MET D 140 -34.85 2.96 -2.65
N ASP D 141 -35.10 4.13 -2.12
CA ASP D 141 -35.60 5.23 -2.90
C ASP D 141 -34.79 6.48 -2.64
N LYS D 142 -35.05 7.49 -3.43
CA LYS D 142 -34.33 8.73 -3.38
C LYS D 142 -34.42 9.46 -2.07
N THR D 143 -35.55 9.41 -1.39
CA THR D 143 -35.61 10.08 -0.11
C THR D 143 -34.68 9.39 0.84
N GLU D 144 -34.70 8.07 0.83
CA GLU D 144 -33.85 7.28 1.70
C GLU D 144 -32.40 7.48 1.31
N LEU D 145 -32.14 7.55 0.03
CA LEU D 145 -30.79 7.76 -0.41
C LEU D 145 -30.29 9.07 0.08
N GLY D 146 -31.11 10.09 -0.06
CA GLY D 146 -30.67 11.39 0.33
C GLY D 146 -30.35 11.48 1.79
N CYS D 147 -31.19 10.93 2.64
CA CYS D 147 -30.93 10.95 4.07
C CYS D 147 -29.69 10.19 4.43
N LEU D 148 -29.45 9.10 3.74
CA LEU D 148 -28.24 8.38 4.02
C LEU D 148 -27.04 9.22 3.64
N ARG D 149 -27.09 9.84 2.48
CA ARG D 149 -26.02 10.70 2.06
C ARG D 149 -25.86 11.89 2.97
N ALA D 150 -26.96 12.42 3.44
CA ALA D 150 -26.96 13.53 4.32
C ALA D 150 -26.30 13.14 5.59
N ILE D 151 -26.52 11.92 6.03
CA ILE D 151 -25.93 11.45 7.27
C ILE D 151 -24.43 11.38 7.19
N VAL D 152 -23.91 11.02 6.04
CA VAL D 152 -22.50 11.00 5.81
C VAL D 152 -21.91 12.37 5.85
N LEU D 153 -22.59 13.30 5.22
CA LEU D 153 -22.11 14.66 5.12
C LEU D 153 -21.93 15.28 6.46
N PHE D 154 -22.90 15.15 7.33
CA PHE D 154 -22.72 15.70 8.63
C PHE D 154 -21.96 14.71 9.43
N ASN D 155 -20.68 14.54 9.15
CA ASN D 155 -19.83 13.59 9.85
C ASN D 155 -18.97 14.25 10.88
N PRO D 156 -19.27 14.00 12.14
CA PRO D 156 -18.59 14.57 13.30
C PRO D 156 -17.15 14.16 13.48
N ASP D 157 -16.83 12.95 13.09
CA ASP D 157 -15.52 12.38 13.30
C ASP D 157 -14.57 13.07 12.38
N SER D 158 -15.11 13.96 11.56
CA SER D 158 -14.36 14.66 10.55
C SER D 158 -13.34 15.50 11.24
N LYS D 159 -12.26 15.81 10.53
CA LYS D 159 -11.12 16.47 11.11
C LYS D 159 -10.99 17.94 10.83
N GLY D 160 -10.88 18.70 11.90
CA GLY D 160 -10.75 20.14 11.87
C GLY D 160 -11.94 21.05 12.13
N LEU D 161 -13.07 20.50 12.55
CA LEU D 161 -14.25 21.32 12.82
C LEU D 161 -14.19 22.14 14.09
N SER D 162 -14.55 23.41 13.99
CA SER D 162 -14.66 24.28 15.15
C SER D 162 -15.78 23.88 16.07
N ASN D 163 -16.89 23.42 15.48
CA ASN D 163 -18.07 23.03 16.25
C ASN D 163 -18.52 21.63 15.91
N PRO D 164 -17.79 20.67 16.42
CA PRO D 164 -18.10 19.28 16.19
C PRO D 164 -19.42 18.96 16.80
N ALA D 165 -19.58 19.40 18.03
CA ALA D 165 -20.75 19.05 18.79
C ALA D 165 -21.88 19.59 17.98
N GLU D 166 -21.61 20.65 17.26
CA GLU D 166 -22.63 21.26 16.46
C GLU D 166 -23.09 20.31 15.39
N VAL D 167 -22.16 19.68 14.71
CA VAL D 167 -22.48 18.76 13.64
C VAL D 167 -23.22 17.53 14.12
N GLU D 168 -22.86 17.02 15.29
CA GLU D 168 -23.50 15.82 15.82
C GLU D 168 -24.97 16.08 16.05
N ALA D 169 -25.30 17.24 16.59
CA ALA D 169 -26.67 17.60 16.88
C ALA D 169 -27.50 17.66 15.63
N LEU D 170 -26.95 18.22 14.58
CA LEU D 170 -27.66 18.27 13.32
C LEU D 170 -27.82 16.92 12.65
N ARG D 171 -26.86 16.04 12.84
CA ARG D 171 -26.93 14.71 12.24
C ARG D 171 -28.08 13.93 12.80
N GLU D 172 -28.19 13.99 14.12
CA GLU D 172 -29.20 13.30 14.86
C GLU D 172 -30.51 13.80 14.37
N LYS D 173 -30.55 15.09 14.11
CA LYS D 173 -31.74 15.67 13.59
C LYS D 173 -32.02 15.08 12.23
N VAL D 174 -31.00 14.75 11.45
CA VAL D 174 -31.31 14.13 10.17
C VAL D 174 -31.87 12.71 10.19
N TYR D 175 -31.26 11.81 10.94
CA TYR D 175 -31.76 10.46 11.00
C TYR D 175 -33.11 10.36 11.65
N ALA D 176 -33.34 11.21 12.64
CA ALA D 176 -34.56 11.17 13.39
C ALA D 176 -35.73 11.38 12.47
N SER D 177 -35.61 12.31 11.57
CA SER D 177 -36.65 12.57 10.61
C SER D 177 -36.67 11.35 9.75
N LEU D 178 -35.50 10.80 9.57
CA LEU D 178 -35.35 9.65 8.72
C LEU D 178 -36.11 8.51 9.29
N GLU D 179 -36.02 8.32 10.58
CA GLU D 179 -36.71 7.19 11.10
C GLU D 179 -38.15 7.35 10.82
N ALA D 180 -38.66 8.53 11.11
CA ALA D 180 -40.06 8.79 10.92
C ALA D 180 -40.52 8.67 9.49
N TYR D 181 -39.73 9.12 8.54
CA TYR D 181 -40.26 9.06 7.21
C TYR D 181 -40.56 7.64 6.89
N CYS D 182 -39.68 6.75 7.31
CA CYS D 182 -39.77 5.35 6.99
C CYS D 182 -41.04 4.79 7.53
N LYS D 183 -41.45 5.27 8.68
CA LYS D 183 -42.64 4.72 9.25
C LYS D 183 -43.88 4.96 8.41
N HIS D 184 -44.10 6.16 7.91
CA HIS D 184 -45.28 6.35 7.13
C HIS D 184 -45.25 5.54 5.86
N LYS D 185 -44.21 5.70 5.06
CA LYS D 185 -44.22 5.05 3.78
C LYS D 185 -44.22 3.53 3.82
N TYR D 186 -43.45 2.96 4.73
CA TYR D 186 -43.34 1.50 4.87
C TYR D 186 -43.63 0.95 6.26
N PRO D 187 -44.92 0.89 6.61
CA PRO D 187 -45.51 0.42 7.87
C PRO D 187 -45.37 -1.06 8.28
N GLU D 188 -45.43 -1.94 7.29
CA GLU D 188 -45.37 -3.38 7.46
C GLU D 188 -44.10 -3.87 8.12
N GLN D 189 -43.00 -3.17 7.86
CA GLN D 189 -41.67 -3.50 8.33
C GLN D 189 -41.16 -2.45 9.28
N PRO D 190 -40.90 -2.78 10.54
CA PRO D 190 -40.38 -1.78 11.47
C PRO D 190 -38.85 -1.77 11.59
N GLY D 191 -38.18 -2.66 10.88
CA GLY D 191 -36.75 -2.73 10.96
C GLY D 191 -36.02 -2.08 9.82
N ARG D 192 -36.77 -1.40 8.99
CA ARG D 192 -36.20 -0.74 7.83
C ARG D 192 -35.23 0.35 8.19
N PHE D 193 -35.52 1.08 9.23
CA PHE D 193 -34.62 2.14 9.60
C PHE D 193 -33.27 1.60 9.95
N ALA D 194 -33.21 0.61 10.81
CA ALA D 194 -31.95 0.03 11.18
C ALA D 194 -31.35 -0.53 9.95
N LYS D 195 -32.17 -1.03 9.06
CA LYS D 195 -31.62 -1.62 7.86
C LYS D 195 -30.92 -0.60 7.02
N LEU D 196 -31.45 0.59 6.93
CA LEU D 196 -30.82 1.60 6.10
C LEU D 196 -29.47 2.00 6.64
N LEU D 197 -29.43 2.18 7.94
CA LEU D 197 -28.25 2.58 8.67
C LEU D 197 -27.12 1.56 8.60
N LEU D 198 -27.45 0.30 8.48
CA LEU D 198 -26.45 -0.75 8.44
C LEU D 198 -25.69 -0.80 7.14
N ARG D 199 -26.19 -0.10 6.13
CA ARG D 199 -25.53 0.01 4.84
C ARG D 199 -24.36 0.95 4.88
N LEU D 200 -24.30 1.79 5.90
CA LEU D 200 -23.25 2.76 6.04
C LEU D 200 -21.88 2.19 6.26
N PRO D 201 -21.80 1.14 7.04
CA PRO D 201 -20.52 0.51 7.27
C PRO D 201 -20.02 0.00 5.98
N ALA D 202 -20.89 -0.58 5.19
CA ALA D 202 -20.52 -1.06 3.90
C ALA D 202 -20.11 0.08 3.01
N LEU D 203 -20.83 1.18 3.09
CA LEU D 203 -20.49 2.33 2.29
C LEU D 203 -19.17 2.91 2.65
N ARG D 204 -18.89 2.99 3.94
CA ARG D 204 -17.62 3.50 4.38
C ARG D 204 -16.45 2.64 3.95
N SER D 205 -16.59 1.34 4.07
CA SER D 205 -15.53 0.41 3.70
C SER D 205 -15.19 0.43 2.26
N ILE D 206 -16.19 0.57 1.43
CA ILE D 206 -15.99 0.67 0.00
C ILE D 206 -15.24 1.91 -0.36
N GLY D 207 -15.46 2.97 0.40
CA GLY D 207 -14.75 4.19 0.21
C GLY D 207 -13.28 4.05 0.50
N LEU D 208 -12.91 3.32 1.52
CA LEU D 208 -11.52 3.13 1.85
C LEU D 208 -10.80 2.32 0.84
N LYS D 209 -11.44 1.30 0.35
CA LYS D 209 -10.84 0.45 -0.63
C LYS D 209 -10.57 1.16 -1.92
N CYS D 210 -11.42 2.08 -2.27
CA CYS D 210 -11.21 2.83 -3.49
C CYS D 210 -9.94 3.58 -3.33
N LEU D 211 -9.75 4.17 -2.17
CA LEU D 211 -8.56 4.92 -1.95
C LEU D 211 -7.40 4.00 -2.07
N GLU D 212 -7.54 2.80 -1.56
CA GLU D 212 -6.46 1.84 -1.59
C GLU D 212 -6.11 1.50 -3.01
N HIS D 213 -7.11 1.33 -3.85
CA HIS D 213 -6.86 1.07 -5.26
C HIS D 213 -6.20 2.27 -5.89
N LEU D 214 -6.63 3.47 -5.56
CA LEU D 214 -6.07 4.66 -6.18
C LEU D 214 -4.61 4.89 -5.92
N PHE D 215 -4.16 4.73 -4.69
CA PHE D 215 -2.76 4.90 -4.35
C PHE D 215 -1.85 3.88 -4.98
N PHE D 216 -2.26 2.64 -5.06
CA PHE D 216 -1.46 1.59 -5.62
C PHE D 216 -1.15 1.85 -7.06
N PHE D 217 -2.16 2.29 -7.79
CA PHE D 217 -1.97 2.57 -9.17
C PHE D 217 -0.99 3.70 -9.31
N LYS D 218 -1.08 4.72 -8.47
CA LYS D 218 -0.13 5.79 -8.58
C LYS D 218 1.22 5.24 -8.27
N LEU D 219 1.30 4.46 -7.23
CA LEU D 219 2.53 3.82 -6.78
C LEU D 219 3.10 2.77 -7.69
N ILE D 220 2.20 2.00 -8.27
CA ILE D 220 2.51 0.92 -9.17
C ILE D 220 3.18 1.33 -10.46
N GLY D 221 2.79 2.45 -11.02
CA GLY D 221 3.26 2.86 -12.32
C GLY D 221 3.83 4.25 -12.34
N ASP D 222 4.68 4.48 -13.30
CA ASP D 222 5.94 5.18 -13.38
C ASP D 222 5.89 6.65 -13.09
N THR D 223 6.94 7.15 -12.48
CA THR D 223 6.97 8.56 -12.12
C THR D 223 5.83 8.99 -11.19
N PRO D 224 5.65 8.17 -10.16
CA PRO D 224 4.83 8.52 -9.02
C PRO D 224 5.67 9.59 -8.39
N ILE D 225 5.12 10.40 -7.52
CA ILE D 225 5.85 11.49 -6.91
C ILE D 225 5.74 12.64 -7.85
N ASP D 226 4.95 12.48 -8.88
CA ASP D 226 4.83 13.56 -9.79
C ASP D 226 3.78 14.35 -9.08
N THR D 227 2.75 13.67 -8.63
CA THR D 227 1.66 14.31 -7.94
C THR D 227 2.08 14.78 -6.58
N PHE D 228 2.81 13.96 -5.85
CA PHE D 228 3.31 14.37 -4.55
C PHE D 228 4.31 15.51 -4.68
N LEU D 229 5.15 15.45 -5.70
CA LEU D 229 5.98 16.57 -6.04
C LEU D 229 4.88 17.30 -6.79
N MET D 230 4.53 18.49 -6.34
CA MET D 230 3.24 19.06 -6.70
C MET D 230 2.75 19.42 -8.09
N GLU D 231 3.45 20.18 -8.90
CA GLU D 231 2.90 20.39 -10.23
C GLU D 231 4.11 20.48 -11.07
N MET D 232 4.07 20.00 -12.31
CA MET D 232 5.32 19.91 -13.03
C MET D 232 5.74 21.07 -13.88
N LEU D 233 6.87 21.65 -13.51
CA LEU D 233 7.40 22.77 -14.27
C LEU D 233 8.92 22.75 -14.36
N GLU D 234 9.46 21.74 -15.01
CA GLU D 234 10.89 21.54 -15.14
C GLU D 234 11.28 22.10 -16.44
N ALA D 235 10.33 22.76 -17.08
CA ALA D 235 10.52 23.31 -18.39
C ALA D 235 11.66 24.26 -18.26
N PRO D 236 11.76 24.90 -17.11
CA PRO D 236 12.88 25.77 -16.85
C PRO D 236 14.16 25.05 -16.46
N HIS D 237 14.68 24.43 -17.49
CA HIS D 237 16.03 24.13 -17.71
C HIS D 237 16.35 25.31 -18.53
N GLN D 238 15.32 26.11 -18.76
CA GLN D 238 15.38 27.38 -19.41
C GLN D 238 16.02 28.45 -18.53
N MET D 239 15.66 28.49 -17.27
CA MET D 239 16.24 29.46 -16.39
C MET D 239 17.17 28.67 -15.55
N ASN E 2 14.89 -20.33 9.40
CA ASN E 2 13.61 -20.95 9.15
C ASN E 2 13.75 -22.43 8.99
N MET E 3 12.99 -23.15 9.79
CA MET E 3 13.10 -24.58 9.87
C MET E 3 12.76 -25.28 8.55
N GLY E 4 11.74 -24.82 7.85
CA GLY E 4 11.37 -25.43 6.58
C GLY E 4 12.46 -25.30 5.54
N LEU E 5 13.05 -24.12 5.55
CA LEU E 5 14.14 -23.71 4.66
C LEU E 5 15.39 -24.53 4.84
N GLU E 6 15.71 -24.80 6.10
CA GLU E 6 16.97 -25.43 6.44
C GLU E 6 17.05 -26.90 6.11
N ALA E 7 16.23 -27.35 5.18
CA ALA E 7 16.39 -28.70 4.72
C ALA E 7 17.05 -28.34 3.42
N ILE E 8 18.26 -28.78 3.27
CA ILE E 8 19.07 -28.35 2.18
C ILE E 8 19.44 -29.51 1.32
N THR F 1 -4.72 24.08 1.41
CA THR F 1 -4.42 23.36 0.19
C THR F 1 -5.51 23.54 -0.86
N ASN F 2 -6.62 22.83 -0.72
CA ASN F 2 -7.68 22.89 -1.73
C ASN F 2 -8.80 23.85 -1.40
N MET F 3 -8.77 25.04 -1.97
CA MET F 3 -9.83 25.98 -1.75
C MET F 3 -10.65 26.21 -2.98
N GLY F 4 -10.48 25.32 -3.93
CA GLY F 4 -11.24 25.39 -5.15
C GLY F 4 -12.64 25.26 -4.66
N LEU F 5 -12.77 24.45 -3.62
CA LEU F 5 -14.03 24.13 -3.01
C LEU F 5 -14.74 25.30 -2.37
N GLU F 6 -13.98 26.10 -1.65
CA GLU F 6 -14.53 27.20 -0.90
C GLU F 6 -15.17 28.05 -1.92
N ALA F 7 -14.65 27.93 -3.13
CA ALA F 7 -15.13 28.70 -4.24
C ALA F 7 -16.60 28.53 -4.42
N ILE F 8 -17.02 27.35 -4.87
CA ILE F 8 -18.44 27.18 -5.17
C ILE F 8 -19.35 27.33 -4.00
N ILE F 9 -18.89 26.94 -2.85
CA ILE F 9 -19.74 27.05 -1.70
C ILE F 9 -19.99 28.51 -1.50
OAA RHN G . 15.92 9.31 5.77
OAB RHN G . 14.38 11.92 0.65
OAC RHN G . 9.86 9.84 2.41
OAD RHN G . 16.04 11.45 5.56
OAE RHN G . 8.74 10.32 0.38
OAF RHN G . 10.84 9.28 4.55
CAG RHN G . 11.13 11.95 -1.87
CAH RHN G . 9.94 11.40 -1.42
CAI RHN G . 12.25 11.96 -1.04
CAJ RHN G . 13.15 9.81 4.94
CAK RHN G . 14.39 10.89 3.19
CAL RHN G . 15.46 10.38 5.29
CAM RHN G . 14.34 10.36 4.48
CAN RHN G . 9.89 10.87 -0.12
CAO RHN G . 12.03 9.81 4.11
CAP RHN G . 13.33 11.44 1.06
CAQ RHN G . 10.93 10.32 2.00
CAR RHN G . 12.20 11.42 0.25
CAS RHN G . 13.26 10.89 2.36
CAT RHN G . 11.00 10.87 0.71
CAU RHN G . 12.06 10.34 2.82
OAA RHN H . -2.88 -0.09 17.66
OAB RHN H . -5.99 -5.46 17.76
OAC RHN H . -3.51 -5.24 13.10
OAD RHN H . -3.74 -1.36 19.17
OAE RHN H . -4.50 -7.34 12.40
OAF RHN H . -2.45 -3.14 13.65
CAG RHN H . -6.63 -8.52 15.13
CAH RHN H . -5.98 -8.49 13.90
CAI RHN H . -6.42 -7.48 16.04
CAJ RHN H . -2.89 -2.15 15.79
CAK RHN H . -4.37 -3.30 17.29
CAL RHN H . -3.38 -1.18 17.98
CAM RHN H . -3.54 -2.20 17.02
CAN RHN H . -5.14 -7.41 13.59
CAO RHN H . -3.07 -3.17 14.86
CAP RHN H . -5.40 -5.40 16.67
CAQ RHN H . -4.09 -5.29 14.18
CAR RHN H . -5.59 -6.42 15.73
CAS RHN H . -4.56 -4.33 16.36
CAT RHN H . -4.93 -6.36 14.50
CAU RHN H . -3.90 -4.27 15.12
#